data_5RAA
#
_entry.id   5RAA
#
_cell.length_a   57.290
_cell.length_b   93.610
_cell.length_c   93.420
_cell.angle_alpha   90.000
_cell.angle_beta   107.690
_cell.angle_gamma   90.000
#
_symmetry.space_group_name_H-M   'P 1 21 1'
#
loop_
_entity.id
_entity.type
_entity.pdbx_description
1 polymer 'Lysine-specific demethylase 3B'
2 non-polymer [(4S)-1-(4-chlorophenyl)-1,2,3-triazolidin-4-yl]methanol
3 non-polymer 'CHLORIDE ION'
4 non-polymer 'MANGANESE (II) ION'
5 water water
#
_entity_poly.entity_id   1
_entity_poly.type   'polypeptide(L)'
_entity_poly.pdbx_seq_one_letter_code
;MHHHHHHSSGVDLGTENLYFQSMTSHSWLCDGRLLCLHDPSNKNNWKIFRECWKQGQPVLVSGVHKKLKSELWKPEAFSQ
EFGDQDVDLVNCRNCAIISDVKVRDFWDGFEIICKRLRSEDGQPMVLKLKDWPPGEDFRDMMPTRFEDLMENLPLPEYTK
RDGRLNLASRLPSYFVRPDLGPKMYNAYGLITAEDRRVGTTNLHLDVSDAVNVMVYVGIPIGEGAHDEEVLKTIDEGDAD
EVTKERIHDHKEKPGALWHIYAAKDAEKIRELLRKVGEEQGQENPPDHDPIHDQSWYLDQTLRKRLYEEYGVQGWAIVQF
LGDAVFIPAGAPHQVHNLYSCIKVAEDFVSPEHVKHCFRLTQEFRHLSNTHT
;
_entity_poly.pdbx_strand_id   A,B
#
# COMPACT_ATOMS: atom_id res chain seq x y z
N SER A 22 -7.73 31.89 -38.94
CA SER A 22 -6.62 32.71 -38.38
C SER A 22 -6.53 32.44 -36.86
N MET A 23 -5.50 33.00 -36.19
CA MET A 23 -5.12 32.71 -34.79
C MET A 23 -6.22 33.19 -33.81
N THR A 24 -6.57 32.33 -32.85
CA THR A 24 -7.54 32.61 -31.75
C THR A 24 -7.06 31.97 -30.44
N SER A 25 -7.51 32.53 -29.31
CA SER A 25 -7.12 32.11 -27.93
C SER A 25 -7.49 30.62 -27.70
N HIS A 26 -8.63 30.18 -28.24
CA HIS A 26 -9.22 28.85 -27.97
C HIS A 26 -10.34 28.51 -28.92
N SER A 27 -10.78 27.26 -28.87
CA SER A 27 -11.92 26.65 -29.57
C SER A 27 -12.49 25.52 -28.71
N TRP A 28 -13.50 24.84 -29.23
CA TRP A 28 -14.30 23.83 -28.48
C TRP A 28 -14.18 22.51 -29.28
N LEU A 29 -13.99 21.42 -28.57
CA LEU A 29 -14.19 20.09 -29.14
C LEU A 29 -15.34 19.41 -28.38
N CYS A 30 -15.62 18.15 -28.68
CA CYS A 30 -16.69 17.35 -28.01
C CYS A 30 -18.03 18.11 -28.04
N ASP A 31 -18.34 18.73 -29.18
CA ASP A 31 -19.60 19.50 -29.41
C ASP A 31 -19.79 20.61 -28.38
N GLY A 32 -18.74 21.34 -27.99
CA GLY A 32 -18.82 22.44 -27.00
C GLY A 32 -18.44 22.06 -25.59
N ARG A 33 -18.29 20.73 -25.31
CA ARG A 33 -18.08 20.24 -23.92
C ARG A 33 -16.58 20.19 -23.52
N LEU A 34 -15.63 20.40 -24.44
CA LEU A 34 -14.17 20.36 -24.15
C LEU A 34 -13.48 21.65 -24.61
N LEU A 35 -12.89 22.42 -23.67
CA LEU A 35 -12.02 23.58 -23.97
C LEU A 35 -10.72 23.09 -24.65
N CYS A 36 -10.36 23.70 -25.79
N CYS A 36 -10.35 23.75 -25.75
CA CYS A 36 -9.03 23.57 -26.45
CA CYS A 36 -9.04 23.60 -26.44
C CYS A 36 -8.33 24.95 -26.45
C CYS A 36 -8.33 24.97 -26.46
N LEU A 37 -7.28 25.11 -25.64
CA LEU A 37 -6.41 26.32 -25.63
C LEU A 37 -5.36 26.19 -26.74
N HIS A 38 -5.10 27.27 -27.48
CA HIS A 38 -4.20 27.21 -28.68
C HIS A 38 -2.77 27.66 -28.39
N ASP A 39 -2.53 28.47 -27.37
CA ASP A 39 -1.22 29.09 -27.11
C ASP A 39 -0.72 28.56 -25.78
N PRO A 40 0.16 27.54 -25.73
CA PRO A 40 0.48 26.92 -24.45
C PRO A 40 1.15 27.78 -23.37
N SER A 41 1.78 28.92 -23.70
CA SER A 41 2.56 29.73 -22.75
C SER A 41 1.86 31.07 -22.47
N ASN A 42 0.61 31.25 -22.95
CA ASN A 42 -0.07 32.56 -22.80
C ASN A 42 -0.34 32.88 -21.32
N LYS A 43 0.09 34.07 -20.85
CA LYS A 43 -0.08 34.47 -19.43
C LYS A 43 -1.56 34.63 -19.06
N ASN A 44 -2.48 34.72 -20.04
CA ASN A 44 -3.94 34.91 -19.83
C ASN A 44 -4.74 33.60 -19.88
N ASN A 45 -4.10 32.44 -20.08
CA ASN A 45 -4.82 31.16 -20.23
C ASN A 45 -5.72 30.87 -19.02
N TRP A 46 -5.28 31.17 -17.80
CA TRP A 46 -6.04 30.86 -16.56
C TRP A 46 -7.45 31.46 -16.61
N LYS A 47 -7.62 32.64 -17.24
CA LYS A 47 -8.93 33.32 -17.31
C LYS A 47 -9.98 32.46 -18.03
N ILE A 48 -9.56 31.66 -19.01
CA ILE A 48 -10.44 30.76 -19.83
C ILE A 48 -10.55 29.36 -19.16
N PHE A 49 -9.42 28.84 -18.69
CA PHE A 49 -9.28 27.52 -18.03
C PHE A 49 -10.13 27.36 -16.77
N ARG A 50 -10.13 28.40 -15.93
N ARG A 50 -10.11 28.34 -15.88
CA ARG A 50 -10.51 28.30 -14.49
CA ARG A 50 -10.51 28.09 -14.47
C ARG A 50 -11.96 27.83 -14.30
C ARG A 50 -12.00 27.75 -14.32
N GLU A 51 -12.91 28.32 -15.10
CA GLU A 51 -14.34 27.91 -14.93
C GLU A 51 -14.60 26.49 -15.44
N CYS A 52 -13.96 26.08 -16.55
CA CYS A 52 -14.12 24.70 -17.06
C CYS A 52 -13.59 23.71 -16.00
N TRP A 53 -12.46 24.04 -15.43
CA TRP A 53 -11.75 23.20 -14.42
C TRP A 53 -12.58 23.12 -13.13
N LYS A 54 -13.17 24.24 -12.71
CA LYS A 54 -14.03 24.27 -11.49
C LYS A 54 -15.20 23.30 -11.68
N GLN A 55 -15.74 23.19 -12.90
CA GLN A 55 -16.90 22.32 -13.22
C GLN A 55 -16.52 20.86 -13.36
N GLY A 56 -15.25 20.50 -13.27
CA GLY A 56 -14.85 19.08 -13.26
C GLY A 56 -14.55 18.55 -14.65
N GLN A 57 -14.44 19.44 -15.63
CA GLN A 57 -14.15 19.04 -17.04
C GLN A 57 -12.64 18.82 -17.26
N PRO A 58 -12.28 17.86 -18.14
CA PRO A 58 -10.91 17.85 -18.69
C PRO A 58 -10.72 19.03 -19.64
N VAL A 59 -9.45 19.36 -19.96
CA VAL A 59 -9.05 20.49 -20.84
C VAL A 59 -7.94 19.98 -21.77
N LEU A 60 -7.94 20.42 -23.04
CA LEU A 60 -6.83 20.11 -23.99
C LEU A 60 -6.05 21.42 -24.24
N VAL A 61 -4.70 21.35 -24.30
CA VAL A 61 -3.85 22.51 -24.69
C VAL A 61 -2.96 22.04 -25.86
N SER A 62 -3.05 22.69 -27.02
CA SER A 62 -2.25 22.23 -28.20
C SER A 62 -0.96 23.06 -28.32
N GLY A 63 0.04 22.52 -29.04
CA GLY A 63 1.21 23.31 -29.43
C GLY A 63 2.44 23.10 -28.58
N VAL A 64 2.43 22.25 -27.54
CA VAL A 64 3.55 22.14 -26.58
C VAL A 64 4.82 21.63 -27.30
N HIS A 65 4.68 20.83 -28.36
CA HIS A 65 5.86 20.26 -29.10
C HIS A 65 6.73 21.41 -29.67
N LYS A 66 6.13 22.52 -30.08
CA LYS A 66 6.85 23.69 -30.67
C LYS A 66 7.72 24.38 -29.59
N LYS A 67 7.50 24.11 -28.30
CA LYS A 67 8.24 24.77 -27.18
C LYS A 67 9.46 23.91 -26.75
N LEU A 68 9.49 22.63 -27.15
CA LEU A 68 10.45 21.63 -26.64
C LEU A 68 11.68 21.55 -27.56
N LYS A 69 12.76 21.00 -27.02
CA LYS A 69 14.01 20.66 -27.79
C LYS A 69 13.80 19.26 -28.41
N SER A 70 13.38 19.23 -29.66
CA SER A 70 12.90 18.00 -30.35
C SER A 70 13.95 16.87 -30.28
N GLU A 71 15.25 17.19 -30.25
CA GLU A 71 16.36 16.19 -30.19
C GLU A 71 16.33 15.35 -28.91
N LEU A 72 15.82 15.88 -27.78
CA LEU A 72 15.79 15.17 -26.50
C LEU A 72 14.71 14.08 -26.47
N TRP A 73 13.71 14.12 -27.36
CA TRP A 73 12.50 13.26 -27.21
C TRP A 73 12.42 12.19 -28.32
N LYS A 74 13.52 11.83 -28.98
CA LYS A 74 13.48 10.81 -30.07
C LYS A 74 13.74 9.40 -29.51
N PRO A 75 13.06 8.36 -30.02
CA PRO A 75 13.30 6.97 -29.62
C PRO A 75 14.76 6.52 -29.79
N GLU A 76 15.41 6.91 -30.87
CA GLU A 76 16.85 6.54 -31.11
C GLU A 76 17.77 7.09 -29.99
N ALA A 77 17.54 8.30 -29.44
CA ALA A 77 18.38 8.87 -28.35
C ALA A 77 18.17 8.07 -27.07
N PHE A 78 16.91 7.68 -26.74
CA PHE A 78 16.65 6.87 -25.53
C PHE A 78 17.40 5.53 -25.65
N SER A 79 17.35 4.88 -26.82
CA SER A 79 18.05 3.59 -27.03
C SER A 79 19.57 3.76 -26.84
N GLN A 80 20.14 4.79 -27.43
CA GLN A 80 21.61 5.03 -27.43
C GLN A 80 22.09 5.32 -26.00
N GLU A 81 21.33 6.10 -25.23
CA GLU A 81 21.76 6.63 -23.91
C GLU A 81 21.48 5.61 -22.79
N PHE A 82 20.40 4.81 -22.87
CA PHE A 82 19.87 4.00 -21.75
C PHE A 82 19.68 2.53 -22.12
N GLY A 83 20.09 2.13 -23.34
CA GLY A 83 19.70 0.82 -23.93
C GLY A 83 20.12 -0.39 -23.14
N ASP A 84 21.16 -0.31 -22.28
CA ASP A 84 21.63 -1.50 -21.50
C ASP A 84 20.90 -1.67 -20.16
N GLN A 85 19.92 -0.82 -19.81
CA GLN A 85 19.07 -1.06 -18.61
C GLN A 85 18.14 -2.27 -18.74
N ASP A 86 17.92 -2.99 -17.63
CA ASP A 86 16.98 -4.15 -17.57
C ASP A 86 15.54 -3.69 -17.22
N VAL A 87 14.54 -4.18 -17.94
CA VAL A 87 13.12 -3.72 -17.79
C VAL A 87 12.19 -4.91 -18.01
N ASP A 88 10.91 -4.73 -17.67
CA ASP A 88 9.83 -5.62 -18.09
C ASP A 88 8.93 -4.91 -19.10
N LEU A 89 8.37 -5.66 -20.05
CA LEU A 89 7.39 -5.19 -21.05
C LEU A 89 6.07 -5.92 -20.80
N VAL A 90 4.97 -5.42 -21.34
CA VAL A 90 3.67 -6.13 -21.41
C VAL A 90 3.20 -6.26 -22.83
N ASN A 91 2.73 -7.46 -23.19
CA ASN A 91 2.05 -7.72 -24.48
C ASN A 91 0.63 -7.15 -24.35
N CYS A 92 0.32 -6.05 -25.04
CA CYS A 92 -0.98 -5.36 -24.83
C CYS A 92 -2.15 -6.23 -25.26
N ARG A 93 -1.95 -7.21 -26.16
CA ARG A 93 -3.02 -8.06 -26.73
C ARG A 93 -3.55 -9.07 -25.69
N ASN A 94 -2.69 -9.65 -24.84
CA ASN A 94 -3.07 -10.75 -23.90
C ASN A 94 -2.57 -10.52 -22.47
N CYS A 95 -1.98 -9.37 -22.14
CA CYS A 95 -1.42 -9.03 -20.80
C CYS A 95 -0.24 -9.90 -20.34
N ALA A 96 0.35 -10.73 -21.21
CA ALA A 96 1.56 -11.53 -20.86
C ALA A 96 2.73 -10.59 -20.56
N ILE A 97 3.43 -10.82 -19.44
CA ILE A 97 4.66 -10.07 -19.05
C ILE A 97 5.90 -10.67 -19.73
N ILE A 98 6.73 -9.82 -20.31
CA ILE A 98 8.07 -10.20 -20.84
C ILE A 98 9.07 -9.65 -19.83
N SER A 99 9.62 -10.57 -19.01
CA SER A 99 10.49 -10.25 -17.86
C SER A 99 11.96 -10.11 -18.28
N ASP A 100 12.60 -9.08 -17.75
CA ASP A 100 14.07 -8.94 -17.61
C ASP A 100 14.72 -8.97 -19.00
N VAL A 101 14.30 -8.04 -19.86
CA VAL A 101 14.94 -7.79 -21.17
C VAL A 101 15.62 -6.41 -21.18
N LYS A 102 16.48 -6.15 -22.17
CA LYS A 102 17.16 -4.85 -22.34
C LYS A 102 16.18 -3.82 -22.91
N VAL A 103 16.21 -2.62 -22.36
CA VAL A 103 15.29 -1.56 -22.85
C VAL A 103 15.54 -1.23 -24.33
N ARG A 104 16.74 -1.47 -24.90
CA ARG A 104 16.94 -1.28 -26.37
C ARG A 104 16.01 -2.23 -27.14
N ASP A 105 15.63 -3.38 -26.60
CA ASP A 105 14.80 -4.34 -27.36
C ASP A 105 13.40 -3.72 -27.59
N PHE A 106 12.95 -2.86 -26.67
CA PHE A 106 11.71 -2.06 -26.84
C PHE A 106 11.98 -0.92 -27.82
N TRP A 107 12.95 -0.04 -27.54
CA TRP A 107 13.13 1.21 -28.33
C TRP A 107 13.44 0.94 -29.80
N ASP A 108 14.25 -0.08 -30.13
CA ASP A 108 14.68 -0.30 -31.54
C ASP A 108 13.52 -0.79 -32.44
N GLY A 109 12.41 -1.33 -31.90
CA GLY A 109 11.19 -1.68 -32.65
C GLY A 109 10.08 -0.63 -32.53
N PHE A 110 10.34 0.55 -32.00
CA PHE A 110 9.29 1.60 -31.73
C PHE A 110 8.62 1.97 -33.04
N GLU A 111 9.40 2.15 -34.11
CA GLU A 111 8.88 2.59 -35.44
C GLU A 111 9.18 1.56 -36.53
N ILE A 112 10.17 0.73 -36.34
CA ILE A 112 10.59 -0.24 -37.41
C ILE A 112 10.00 -1.60 -37.08
N ILE A 113 8.92 -1.99 -37.75
CA ILE A 113 8.13 -3.21 -37.42
C ILE A 113 9.00 -4.48 -37.54
N CYS A 114 9.92 -4.58 -38.52
CA CYS A 114 10.78 -5.78 -38.75
C CYS A 114 11.79 -5.97 -37.60
N LYS A 115 11.96 -5.03 -36.65
CA LYS A 115 12.87 -5.21 -35.50
C LYS A 115 12.09 -5.62 -34.25
N ARG A 116 10.75 -5.66 -34.29
CA ARG A 116 9.97 -5.95 -33.06
C ARG A 116 10.04 -7.41 -32.62
N LEU A 117 10.08 -7.64 -31.31
CA LEU A 117 9.88 -8.98 -30.70
C LEU A 117 8.58 -9.58 -31.24
N ARG A 118 8.59 -10.89 -31.52
CA ARG A 118 7.47 -11.65 -32.12
C ARG A 118 6.90 -12.62 -31.09
N SER A 119 5.57 -12.75 -31.09
CA SER A 119 4.87 -13.79 -30.32
C SER A 119 5.05 -15.14 -31.01
N GLU A 120 4.64 -16.20 -30.30
CA GLU A 120 4.81 -17.61 -30.74
C GLU A 120 4.07 -17.86 -32.05
N ASP A 121 3.00 -17.10 -32.32
CA ASP A 121 2.22 -17.16 -33.59
C ASP A 121 3.01 -16.54 -34.75
N GLY A 122 4.19 -15.96 -34.49
CA GLY A 122 5.08 -15.34 -35.48
C GLY A 122 4.74 -13.89 -35.84
N GLN A 123 3.75 -13.27 -35.18
CA GLN A 123 3.38 -11.83 -35.46
C GLN A 123 4.23 -10.87 -34.62
N PRO A 124 4.51 -9.64 -35.10
CA PRO A 124 5.20 -8.66 -34.26
C PRO A 124 4.25 -8.21 -33.12
N MET A 125 4.76 -8.11 -31.89
CA MET A 125 3.91 -7.78 -30.72
C MET A 125 3.66 -6.27 -30.62
N VAL A 126 2.52 -5.94 -30.00
CA VAL A 126 2.20 -4.55 -29.55
C VAL A 126 2.60 -4.46 -28.08
N LEU A 127 3.73 -3.80 -27.79
CA LEU A 127 4.38 -3.75 -26.47
C LEU A 127 4.19 -2.41 -25.77
N LYS A 128 4.03 -2.49 -24.46
CA LYS A 128 4.08 -1.37 -23.52
C LYS A 128 5.34 -1.53 -22.66
N LEU A 129 6.16 -0.51 -22.49
CA LEU A 129 7.31 -0.49 -21.56
C LEU A 129 6.80 -0.13 -20.15
N LYS A 130 6.97 -1.05 -19.20
CA LYS A 130 6.43 -0.88 -17.82
C LYS A 130 7.38 -0.04 -16.95
N ASP A 131 6.85 0.97 -16.24
CA ASP A 131 7.54 1.65 -15.10
C ASP A 131 8.95 2.05 -15.49
N TRP A 132 9.12 2.90 -16.52
CA TRP A 132 10.44 3.35 -17.03
C TRP A 132 10.38 4.81 -17.41
N PRO A 133 11.29 5.68 -16.92
CA PRO A 133 12.17 5.37 -15.78
C PRO A 133 11.41 4.96 -14.52
N PRO A 134 12.00 4.09 -13.67
CA PRO A 134 11.27 3.49 -12.57
C PRO A 134 11.05 4.44 -11.36
N GLY A 135 9.92 4.22 -10.69
CA GLY A 135 9.46 4.99 -9.51
C GLY A 135 9.57 6.47 -9.76
N GLU A 136 10.34 7.19 -8.93
CA GLU A 136 10.53 8.66 -8.96
C GLU A 136 11.85 9.02 -9.64
N ASP A 137 12.52 8.10 -10.37
CA ASP A 137 13.92 8.32 -10.83
C ASP A 137 14.02 9.19 -12.11
N PHE A 138 12.93 9.73 -12.69
CA PHE A 138 13.05 10.50 -13.96
C PHE A 138 14.07 11.64 -13.85
N ARG A 139 13.96 12.50 -12.83
CA ARG A 139 14.80 13.71 -12.68
C ARG A 139 16.29 13.31 -12.56
N ASP A 140 16.59 12.30 -11.76
CA ASP A 140 17.98 11.81 -11.51
C ASP A 140 18.54 11.25 -12.83
N MET A 141 17.75 10.43 -13.54
CA MET A 141 18.25 9.72 -14.74
C MET A 141 18.37 10.69 -15.92
N MET A 142 17.43 11.64 -16.06
CA MET A 142 17.30 12.52 -17.25
C MET A 142 17.15 13.99 -16.85
N PRO A 143 18.18 14.63 -16.27
CA PRO A 143 18.06 16.04 -15.86
C PRO A 143 17.79 17.07 -16.95
N THR A 144 18.29 16.94 -18.18
CA THR A 144 18.06 17.89 -19.28
C THR A 144 16.60 17.77 -19.78
N ARG A 145 16.07 16.55 -19.85
CA ARG A 145 14.64 16.28 -20.24
C ARG A 145 13.71 16.85 -19.17
N PHE A 146 14.01 16.58 -17.90
CA PHE A 146 13.22 17.14 -16.77
C PHE A 146 13.08 18.67 -16.91
N GLU A 147 14.20 19.40 -17.11
CA GLU A 147 14.18 20.88 -17.29
C GLU A 147 13.34 21.30 -18.51
N ASP A 148 13.53 20.64 -19.65
CA ASP A 148 12.84 20.96 -20.93
C ASP A 148 11.31 20.78 -20.74
N LEU A 149 10.90 19.75 -20.03
CA LEU A 149 9.45 19.49 -19.82
C LEU A 149 8.93 20.52 -18.81
N MET A 150 9.55 20.63 -17.63
CA MET A 150 8.94 21.38 -16.50
C MET A 150 8.82 22.87 -16.84
N GLU A 151 9.76 23.42 -17.58
CA GLU A 151 9.80 24.85 -18.01
C GLU A 151 8.79 25.14 -19.12
N ASN A 152 8.15 24.13 -19.73
CA ASN A 152 7.26 24.36 -20.88
C ASN A 152 5.85 23.80 -20.60
N LEU A 153 5.57 23.36 -19.37
CA LEU A 153 4.20 22.90 -19.01
C LEU A 153 3.23 24.08 -19.08
N PRO A 154 2.06 23.92 -19.71
CA PRO A 154 1.01 24.95 -19.63
C PRO A 154 0.39 25.12 -18.22
N LEU A 155 -0.27 26.27 -17.98
CA LEU A 155 -0.96 26.60 -16.69
C LEU A 155 0.04 26.39 -15.56
N PRO A 156 1.20 27.10 -15.61
CA PRO A 156 2.30 26.83 -14.66
C PRO A 156 1.97 27.14 -13.19
N GLU A 157 1.00 28.02 -12.88
CA GLU A 157 0.60 28.25 -11.44
C GLU A 157 -0.06 26.98 -10.87
N TYR A 158 -0.70 26.16 -11.71
CA TYR A 158 -1.28 24.84 -11.32
C TYR A 158 -0.24 23.72 -11.41
N THR A 159 0.58 23.67 -12.48
CA THR A 159 1.33 22.43 -12.84
C THR A 159 2.78 22.37 -12.31
N LYS A 160 3.42 23.48 -12.04
CA LYS A 160 4.81 23.47 -11.49
C LYS A 160 4.83 23.03 -10.02
N ARG A 161 5.94 22.38 -9.60
CA ARG A 161 6.04 21.80 -8.23
C ARG A 161 5.76 22.91 -7.20
N ASP A 162 6.20 24.14 -7.51
CA ASP A 162 6.16 25.32 -6.61
C ASP A 162 5.06 26.31 -7.05
N GLY A 163 4.15 25.92 -7.95
CA GLY A 163 3.09 26.84 -8.41
C GLY A 163 2.22 27.32 -7.28
N ARG A 164 1.75 28.56 -7.37
CA ARG A 164 0.89 29.16 -6.31
C ARG A 164 -0.43 28.39 -6.14
N LEU A 165 -0.97 27.77 -7.19
CA LEU A 165 -2.26 27.04 -7.12
C LEU A 165 -2.03 25.53 -7.09
N ASN A 166 -0.80 25.10 -6.79
CA ASN A 166 -0.51 23.66 -6.60
C ASN A 166 -0.35 23.44 -5.09
N LEU A 167 -1.29 22.73 -4.46
CA LEU A 167 -1.24 22.52 -2.98
C LEU A 167 -0.36 21.31 -2.63
N ALA A 168 0.29 20.64 -3.58
CA ALA A 168 0.97 19.33 -3.32
C ALA A 168 1.95 19.46 -2.15
N SER A 169 2.73 20.53 -2.12
CA SER A 169 3.82 20.72 -1.11
C SER A 169 3.30 21.36 0.18
N ARG A 170 2.01 21.64 0.27
CA ARG A 170 1.42 22.53 1.31
C ARG A 170 0.43 21.77 2.18
N LEU A 171 0.15 20.51 1.93
CA LEU A 171 -0.95 19.81 2.65
C LEU A 171 -0.42 18.92 3.77
N PRO A 172 -1.19 18.77 4.87
CA PRO A 172 -0.80 17.79 5.87
C PRO A 172 -1.21 16.36 5.48
N SER A 173 -0.87 15.41 6.36
CA SER A 173 -0.97 13.95 6.10
C SER A 173 -2.41 13.48 6.05
N TYR A 174 -3.38 14.32 6.39
CA TYR A 174 -4.82 14.06 6.18
C TYR A 174 -5.17 14.00 4.68
N PHE A 175 -4.22 14.36 3.79
CA PHE A 175 -4.37 14.33 2.31
C PHE A 175 -3.36 13.36 1.72
N VAL A 176 -3.80 12.56 0.76
CA VAL A 176 -2.87 11.71 -0.06
C VAL A 176 -2.10 12.65 -0.96
N ARG A 177 -0.78 12.60 -0.87
CA ARG A 177 0.14 13.47 -1.63
C ARG A 177 0.66 12.70 -2.82
N PRO A 178 0.81 13.35 -4.01
CA PRO A 178 1.34 12.65 -5.18
C PRO A 178 2.84 12.36 -5.04
N ASP A 179 3.34 11.31 -5.73
CA ASP A 179 4.79 11.02 -5.78
C ASP A 179 5.44 12.18 -6.53
N LEU A 180 6.77 12.30 -6.44
CA LEU A 180 7.60 13.25 -7.22
C LEU A 180 7.66 12.73 -8.67
N GLY A 181 7.35 13.60 -9.62
CA GLY A 181 7.19 13.21 -11.05
C GLY A 181 8.33 13.87 -11.78
N PRO A 182 8.24 14.03 -13.10
CA PRO A 182 7.19 13.37 -13.88
C PRO A 182 7.38 11.87 -14.09
N LYS A 183 6.44 11.23 -14.80
CA LYS A 183 6.47 9.81 -15.20
C LYS A 183 6.33 9.71 -16.72
N MET A 184 7.10 8.82 -17.35
CA MET A 184 7.06 8.60 -18.80
C MET A 184 6.20 7.38 -19.07
N TYR A 185 5.43 7.39 -20.16
CA TYR A 185 4.49 6.33 -20.60
C TYR A 185 4.78 6.06 -22.09
N ASN A 186 5.37 4.87 -22.35
CA ASN A 186 5.93 4.50 -23.68
C ASN A 186 5.26 3.20 -24.14
N ALA A 187 4.68 3.18 -25.33
CA ALA A 187 3.99 1.98 -25.87
C ALA A 187 3.78 2.11 -27.37
N TYR A 188 3.75 0.94 -28.04
CA TYR A 188 3.48 0.84 -29.49
C TYR A 188 1.99 1.18 -29.73
N GLY A 189 1.63 1.40 -31.00
CA GLY A 189 0.22 1.57 -31.43
C GLY A 189 -0.49 0.26 -31.60
N LEU A 190 -1.78 0.24 -31.29
CA LEU A 190 -2.67 -0.91 -31.55
C LEU A 190 -2.98 -0.89 -33.06
N ILE A 191 -2.99 -2.07 -33.68
CA ILE A 191 -2.89 -2.22 -35.15
C ILE A 191 -4.20 -2.78 -35.74
N THR A 192 -4.70 -3.92 -35.29
CA THR A 192 -5.75 -4.71 -36.01
C THR A 192 -7.20 -4.31 -35.63
N ALA A 193 -8.21 -4.88 -36.33
CA ALA A 193 -9.65 -4.78 -35.98
C ALA A 193 -9.87 -5.38 -34.57
N GLU A 194 -9.24 -6.52 -34.27
CA GLU A 194 -9.29 -7.16 -32.92
C GLU A 194 -8.68 -6.23 -31.86
N ASP A 195 -7.63 -5.48 -32.20
CA ASP A 195 -6.95 -4.55 -31.26
C ASP A 195 -7.91 -3.41 -30.83
N ARG A 196 -9.00 -3.11 -31.55
CA ARG A 196 -9.91 -1.97 -31.24
C ARG A 196 -10.53 -2.11 -29.83
N ARG A 197 -10.67 -3.33 -29.32
CA ARG A 197 -11.37 -3.64 -28.04
C ARG A 197 -10.41 -3.68 -26.83
N VAL A 198 -9.12 -3.41 -27.00
CA VAL A 198 -8.08 -3.54 -25.93
C VAL A 198 -7.55 -2.13 -25.60
N GLY A 199 -7.06 -1.93 -24.39
CA GLY A 199 -6.47 -0.65 -23.98
C GLY A 199 -4.95 -0.73 -23.96
N THR A 200 -4.31 0.41 -24.15
CA THR A 200 -2.88 0.61 -23.75
C THR A 200 -2.83 0.74 -22.22
N THR A 201 -3.69 1.62 -21.65
CA THR A 201 -3.88 1.74 -20.20
C THR A 201 -5.37 1.58 -19.91
N ASN A 202 -5.72 0.60 -19.08
CA ASN A 202 -7.12 0.25 -18.71
C ASN A 202 -7.76 1.36 -17.88
N LEU A 203 -9.08 1.33 -17.80
CA LEU A 203 -9.90 2.29 -17.02
C LEU A 203 -9.46 2.31 -15.55
N HIS A 204 -9.16 3.47 -15.02
CA HIS A 204 -8.71 3.69 -13.62
C HIS A 204 -8.98 5.14 -13.22
N LEU A 205 -8.75 5.49 -11.93
CA LEU A 205 -8.73 6.92 -11.56
C LEU A 205 -7.55 7.20 -10.66
N ASP A 206 -7.19 8.47 -10.56
CA ASP A 206 -6.07 9.01 -9.74
C ASP A 206 -6.68 10.01 -8.76
N VAL A 207 -6.15 10.10 -7.54
CA VAL A 207 -6.71 11.03 -6.53
C VAL A 207 -6.12 12.42 -6.61
N SER A 208 -5.07 12.61 -7.43
N SER A 208 -5.06 12.60 -7.42
CA SER A 208 -4.49 13.94 -7.76
CA SER A 208 -4.46 13.90 -7.78
C SER A 208 -4.84 14.31 -9.21
C SER A 208 -4.95 14.32 -9.18
N ASP A 209 -4.82 15.60 -9.51
CA ASP A 209 -4.93 16.10 -10.90
C ASP A 209 -3.67 15.66 -11.67
N ALA A 210 -3.70 15.65 -13.00
CA ALA A 210 -2.50 15.38 -13.83
C ALA A 210 -2.58 16.13 -15.16
N VAL A 211 -1.41 16.49 -15.70
CA VAL A 211 -1.26 16.98 -17.10
C VAL A 211 -0.37 15.97 -17.85
N ASN A 212 -0.87 15.48 -18.98
CA ASN A 212 -0.21 14.42 -19.78
C ASN A 212 0.16 15.05 -21.13
N VAL A 213 1.46 15.09 -21.48
CA VAL A 213 1.99 15.76 -22.71
C VAL A 213 2.46 14.71 -23.72
N MET A 214 1.94 14.76 -24.95
CA MET A 214 2.43 13.89 -26.08
C MET A 214 3.68 14.56 -26.69
N VAL A 215 4.86 14.01 -26.39
CA VAL A 215 6.17 14.65 -26.80
C VAL A 215 6.70 14.00 -28.09
N TYR A 216 6.19 12.83 -28.50
CA TYR A 216 6.65 12.17 -29.76
C TYR A 216 5.59 11.15 -30.20
N VAL A 217 5.29 11.15 -31.50
CA VAL A 217 4.44 10.14 -32.17
C VAL A 217 5.25 9.47 -33.30
N GLY A 218 5.37 8.14 -33.23
CA GLY A 218 6.09 7.35 -34.25
C GLY A 218 5.12 6.65 -35.17
N ILE A 219 5.19 6.94 -36.48
CA ILE A 219 4.31 6.26 -37.47
C ILE A 219 5.11 5.18 -38.19
N PRO A 220 4.84 3.88 -37.95
CA PRO A 220 5.75 2.82 -38.39
C PRO A 220 5.87 2.67 -39.90
N ILE A 221 6.79 1.76 -40.25
CA ILE A 221 7.24 1.35 -41.61
C ILE A 221 7.59 -0.16 -41.54
N GLY A 222 7.28 -0.88 -42.64
CA GLY A 222 7.30 -2.35 -42.80
C GLY A 222 5.90 -2.78 -43.19
N GLU A 223 5.06 -2.97 -42.17
CA GLU A 223 3.57 -3.01 -42.27
C GLU A 223 3.06 -1.58 -42.07
N GLY A 224 3.70 -0.62 -42.74
CA GLY A 224 3.37 0.83 -42.72
C GLY A 224 2.49 1.20 -43.90
N ALA A 225 1.38 1.90 -43.62
CA ALA A 225 0.28 2.19 -44.55
C ALA A 225 -1.04 1.82 -43.85
N HIS A 226 -0.95 1.61 -42.53
CA HIS A 226 -2.03 1.11 -41.63
C HIS A 226 -2.90 2.30 -41.18
N ASP A 227 -3.19 3.21 -42.12
CA ASP A 227 -3.81 4.54 -41.89
C ASP A 227 -5.35 4.43 -41.89
N GLU A 228 -5.90 3.45 -42.63
CA GLU A 228 -7.39 3.26 -42.72
C GLU A 228 -7.97 2.69 -41.42
N GLU A 229 -7.30 1.76 -40.77
CA GLU A 229 -7.84 1.21 -39.49
C GLU A 229 -7.74 2.26 -38.35
N VAL A 230 -6.81 3.20 -38.44
CA VAL A 230 -6.70 4.36 -37.49
C VAL A 230 -7.95 5.25 -37.62
N LEU A 231 -8.41 5.54 -38.85
CA LEU A 231 -9.66 6.34 -39.07
C LEU A 231 -10.90 5.62 -38.51
N LYS A 232 -11.00 4.31 -38.76
N LYS A 232 -11.01 4.31 -38.78
CA LYS A 232 -12.12 3.47 -38.26
CA LYS A 232 -12.10 3.45 -38.26
C LYS A 232 -12.13 3.43 -36.72
C LYS A 232 -12.12 3.47 -36.72
N THR A 233 -10.95 3.41 -36.08
CA THR A 233 -10.83 3.37 -34.58
C THR A 233 -11.32 4.69 -33.96
N ILE A 234 -10.96 5.82 -34.57
CA ILE A 234 -11.36 7.20 -34.15
C ILE A 234 -12.88 7.32 -34.32
N ASP A 235 -13.39 6.85 -35.46
CA ASP A 235 -14.86 6.94 -35.77
C ASP A 235 -15.67 6.11 -34.76
N GLU A 236 -15.30 4.84 -34.57
CA GLU A 236 -15.94 3.89 -33.61
C GLU A 236 -15.77 4.40 -32.16
N GLY A 237 -14.70 5.15 -31.92
CA GLY A 237 -14.36 5.75 -30.61
C GLY A 237 -15.24 6.92 -30.25
N ASP A 238 -16.12 7.37 -31.19
CA ASP A 238 -17.17 8.38 -30.91
C ASP A 238 -16.55 9.77 -31.01
N ALA A 239 -15.43 9.95 -31.73
CA ALA A 239 -14.74 11.25 -31.91
C ALA A 239 -15.67 12.24 -32.63
N ASP A 240 -15.65 13.52 -32.22
CA ASP A 240 -16.55 14.56 -32.81
C ASP A 240 -16.05 14.95 -34.20
N GLU A 241 -16.90 15.68 -34.94
CA GLU A 241 -16.66 16.02 -36.36
C GLU A 241 -15.49 16.99 -36.48
N VAL A 242 -15.32 17.89 -35.52
CA VAL A 242 -14.20 18.86 -35.56
C VAL A 242 -12.84 18.12 -35.36
N THR A 243 -12.77 17.18 -34.42
CA THR A 243 -11.55 16.35 -34.18
C THR A 243 -11.16 15.65 -35.49
N LYS A 244 -12.14 15.18 -36.25
CA LYS A 244 -11.85 14.47 -37.54
C LYS A 244 -11.24 15.44 -38.57
N GLU A 245 -11.62 16.72 -38.54
CA GLU A 245 -11.00 17.75 -39.42
C GLU A 245 -9.49 17.93 -39.13
N ARG A 246 -8.93 17.70 -37.90
CA ARG A 246 -7.46 17.97 -37.61
C ARG A 246 -6.52 17.07 -38.44
N ILE A 247 -6.98 15.86 -38.74
CA ILE A 247 -6.28 14.91 -39.67
C ILE A 247 -6.43 15.38 -41.13
N HIS A 248 -7.69 15.38 -41.61
CA HIS A 248 -8.04 15.53 -43.05
C HIS A 248 -7.48 16.87 -43.56
N ASP A 249 -7.45 17.93 -42.73
CA ASP A 249 -7.25 19.33 -43.20
C ASP A 249 -5.83 19.86 -42.88
N HIS A 250 -5.22 19.53 -41.72
CA HIS A 250 -3.95 20.16 -41.23
C HIS A 250 -2.80 19.13 -41.13
N LYS A 251 -3.08 17.85 -41.39
CA LYS A 251 -2.15 16.70 -41.39
C LYS A 251 -1.36 16.66 -40.07
N GLU A 252 -1.98 16.92 -38.92
CA GLU A 252 -1.34 16.66 -37.60
C GLU A 252 -1.27 15.13 -37.32
N LYS A 253 -0.25 14.68 -36.56
CA LYS A 253 0.00 13.25 -36.22
C LYS A 253 -0.83 12.88 -34.98
N PRO A 254 -1.87 12.02 -35.10
CA PRO A 254 -2.66 11.55 -33.97
C PRO A 254 -1.90 10.46 -33.19
N GLY A 255 -1.81 10.60 -31.88
CA GLY A 255 -1.11 9.64 -31.01
C GLY A 255 -2.01 8.64 -30.33
N ALA A 256 -3.00 9.11 -29.53
CA ALA A 256 -3.76 8.20 -28.68
C ALA A 256 -5.24 8.66 -28.56
N LEU A 257 -6.14 7.69 -28.43
CA LEU A 257 -7.61 7.90 -28.18
C LEU A 257 -7.84 7.69 -26.68
N TRP A 258 -8.38 8.74 -26.03
CA TRP A 258 -8.73 8.73 -24.59
C TRP A 258 -10.27 8.67 -24.44
N HIS A 259 -10.78 8.00 -23.41
CA HIS A 259 -12.16 8.27 -22.89
C HIS A 259 -12.01 8.70 -21.44
N ILE A 260 -12.61 9.85 -21.09
CA ILE A 260 -12.57 10.40 -19.71
C ILE A 260 -14.02 10.60 -19.23
N TYR A 261 -14.30 10.26 -17.97
CA TYR A 261 -15.64 10.38 -17.36
C TYR A 261 -15.57 11.29 -16.15
N ALA A 262 -16.63 12.05 -15.89
CA ALA A 262 -16.68 12.96 -14.71
C ALA A 262 -16.51 12.18 -13.40
N ALA A 263 -15.82 12.73 -12.41
CA ALA A 263 -15.62 12.08 -11.09
C ALA A 263 -17.00 11.71 -10.48
N LYS A 264 -18.02 12.54 -10.71
CA LYS A 264 -19.38 12.30 -10.14
C LYS A 264 -19.99 10.98 -10.66
N ASP A 265 -19.52 10.45 -11.80
CA ASP A 265 -20.12 9.28 -12.49
C ASP A 265 -19.36 7.98 -12.14
N ALA A 266 -18.34 8.04 -11.27
CA ALA A 266 -17.47 6.86 -10.94
C ALA A 266 -18.29 5.68 -10.35
N GLU A 267 -19.25 5.94 -9.47
CA GLU A 267 -20.00 4.80 -8.86
C GLU A 267 -20.94 4.17 -9.88
N LYS A 268 -21.58 4.94 -10.76
CA LYS A 268 -22.46 4.36 -11.82
C LYS A 268 -21.63 3.48 -12.75
N ILE A 269 -20.39 3.90 -13.07
CA ILE A 269 -19.49 3.02 -13.88
C ILE A 269 -19.19 1.74 -13.08
N ARG A 270 -18.92 1.83 -11.77
CA ARG A 270 -18.67 0.61 -10.95
C ARG A 270 -19.89 -0.35 -11.03
N GLU A 271 -21.12 0.17 -10.99
CA GLU A 271 -22.34 -0.66 -11.06
C GLU A 271 -22.40 -1.40 -12.40
N LEU A 272 -22.18 -0.72 -13.52
CA LEU A 272 -22.11 -1.36 -14.86
C LEU A 272 -21.08 -2.51 -14.84
N LEU A 273 -19.86 -2.25 -14.35
CA LEU A 273 -18.79 -3.27 -14.46
C LEU A 273 -19.04 -4.43 -13.48
N ARG A 274 -19.69 -4.20 -12.35
CA ARG A 274 -20.10 -5.35 -11.47
C ARG A 274 -21.10 -6.23 -12.23
N LYS A 275 -22.06 -5.64 -12.93
CA LYS A 275 -23.12 -6.36 -13.67
C LYS A 275 -22.47 -7.14 -14.82
N VAL A 276 -21.59 -6.52 -15.59
CA VAL A 276 -20.90 -7.23 -16.69
C VAL A 276 -19.99 -8.32 -16.12
N GLY A 277 -19.23 -8.10 -15.03
CA GLY A 277 -18.41 -9.16 -14.43
C GLY A 277 -19.27 -10.39 -14.12
N GLU A 278 -20.48 -10.17 -13.61
CA GLU A 278 -21.44 -11.23 -13.18
C GLU A 278 -21.87 -11.98 -14.43
N GLU A 279 -22.32 -11.27 -15.47
CA GLU A 279 -22.76 -11.86 -16.76
C GLU A 279 -21.64 -12.75 -17.33
N GLN A 280 -20.37 -12.39 -17.14
CA GLN A 280 -19.22 -13.09 -17.77
C GLN A 280 -18.71 -14.21 -16.85
N GLY A 281 -19.37 -14.44 -15.71
CA GLY A 281 -19.05 -15.57 -14.83
C GLY A 281 -17.91 -15.27 -13.88
N GLN A 282 -17.49 -14.00 -13.74
CA GLN A 282 -16.58 -13.64 -12.61
C GLN A 282 -17.36 -13.88 -11.31
N GLU A 283 -16.65 -14.21 -10.23
CA GLU A 283 -17.29 -14.44 -8.91
C GLU A 283 -16.67 -13.42 -7.96
N ASN A 284 -17.38 -12.31 -7.75
CA ASN A 284 -16.86 -11.08 -7.11
C ASN A 284 -17.79 -10.71 -5.96
N PRO A 285 -17.27 -10.34 -4.76
CA PRO A 285 -18.11 -9.76 -3.71
C PRO A 285 -18.80 -8.47 -4.15
N PRO A 286 -20.04 -8.18 -3.67
CA PRO A 286 -20.86 -7.11 -4.25
C PRO A 286 -20.28 -5.68 -4.09
N ASP A 287 -19.22 -5.55 -3.29
CA ASP A 287 -18.57 -4.27 -2.91
C ASP A 287 -17.21 -4.10 -3.63
N HIS A 288 -16.73 -5.10 -4.38
CA HIS A 288 -15.36 -5.06 -4.97
C HIS A 288 -15.30 -3.88 -5.95
N ASP A 289 -14.10 -3.34 -6.24
CA ASP A 289 -13.99 -2.04 -6.99
C ASP A 289 -13.38 -2.29 -8.36
N PRO A 290 -14.17 -2.46 -9.44
CA PRO A 290 -13.64 -2.76 -10.79
C PRO A 290 -12.81 -1.62 -11.40
N ILE A 291 -13.00 -0.39 -10.94
CA ILE A 291 -12.16 0.75 -11.38
C ILE A 291 -10.76 0.64 -10.73
N HIS A 292 -10.65 0.41 -9.42
CA HIS A 292 -9.34 0.29 -8.73
C HIS A 292 -8.56 -0.93 -9.29
N ASP A 293 -9.27 -2.01 -9.61
CA ASP A 293 -8.71 -3.25 -10.21
C ASP A 293 -7.97 -2.99 -11.55
N GLN A 294 -8.34 -1.96 -12.34
CA GLN A 294 -7.61 -1.55 -13.56
C GLN A 294 -7.56 -2.74 -14.53
N SER A 295 -8.66 -3.48 -14.59
CA SER A 295 -8.80 -4.71 -15.39
C SER A 295 -9.75 -4.53 -16.59
N TRP A 296 -10.46 -3.41 -16.74
CA TRP A 296 -11.46 -3.21 -17.80
C TRP A 296 -11.01 -2.15 -18.82
N TYR A 297 -11.34 -2.40 -20.09
CA TYR A 297 -11.32 -1.38 -21.17
C TYR A 297 -12.74 -1.27 -21.72
N LEU A 298 -13.33 -0.07 -21.69
CA LEU A 298 -14.70 0.14 -22.23
C LEU A 298 -14.62 0.25 -23.77
N ASP A 299 -15.01 -0.83 -24.48
CA ASP A 299 -15.08 -0.90 -25.96
C ASP A 299 -16.38 -0.22 -26.43
N GLN A 300 -16.63 -0.12 -27.74
CA GLN A 300 -17.84 0.58 -28.24
C GLN A 300 -19.12 0.01 -27.57
N THR A 301 -19.21 -1.32 -27.42
CA THR A 301 -20.41 -1.98 -26.81
C THR A 301 -20.65 -1.46 -25.38
N LEU A 302 -19.60 -1.45 -24.56
CA LEU A 302 -19.71 -1.10 -23.11
C LEU A 302 -19.97 0.41 -23.01
N ARG A 303 -19.36 1.23 -23.88
CA ARG A 303 -19.60 2.71 -23.83
C ARG A 303 -21.07 2.99 -24.13
N LYS A 304 -21.65 2.30 -25.11
CA LYS A 304 -23.07 2.50 -25.49
C LYS A 304 -23.99 2.08 -24.31
N ARG A 305 -23.68 0.95 -23.70
CA ARG A 305 -24.41 0.38 -22.54
C ARG A 305 -24.36 1.38 -21.36
N LEU A 306 -23.21 2.01 -21.14
CA LEU A 306 -23.05 2.99 -20.04
C LEU A 306 -24.00 4.16 -20.29
N TYR A 307 -24.07 4.64 -21.53
CA TYR A 307 -24.92 5.79 -21.93
C TYR A 307 -26.40 5.35 -21.77
N GLU A 308 -26.78 4.23 -22.39
CA GLU A 308 -28.21 3.86 -22.56
C GLU A 308 -28.79 3.42 -21.19
N GLU A 309 -28.07 2.59 -20.43
CA GLU A 309 -28.58 1.89 -19.20
C GLU A 309 -28.34 2.76 -17.94
N TYR A 310 -27.34 3.66 -17.95
CA TYR A 310 -26.94 4.40 -16.73
C TYR A 310 -26.99 5.90 -16.95
N GLY A 311 -27.22 6.37 -18.17
CA GLY A 311 -27.30 7.82 -18.42
C GLY A 311 -25.98 8.58 -18.32
N VAL A 312 -24.84 7.89 -18.53
CA VAL A 312 -23.49 8.48 -18.32
C VAL A 312 -22.82 8.76 -19.69
N GLN A 313 -22.46 10.01 -19.92
CA GLN A 313 -21.71 10.40 -21.16
C GLN A 313 -20.28 10.77 -20.75
N GLY A 314 -19.32 10.45 -21.61
CA GLY A 314 -17.93 10.83 -21.39
C GLY A 314 -17.41 11.81 -22.45
N TRP A 315 -16.11 12.02 -22.42
CA TRP A 315 -15.38 12.84 -23.40
C TRP A 315 -14.47 11.85 -24.16
N ALA A 316 -14.65 11.75 -25.47
CA ALA A 316 -13.74 11.03 -26.39
C ALA A 316 -12.72 12.04 -26.92
N ILE A 317 -11.43 11.85 -26.64
CA ILE A 317 -10.37 12.87 -26.90
C ILE A 317 -9.25 12.22 -27.72
N VAL A 318 -8.95 12.76 -28.89
CA VAL A 318 -7.73 12.33 -29.65
C VAL A 318 -6.59 13.29 -29.30
N GLN A 319 -5.54 12.73 -28.68
CA GLN A 319 -4.33 13.47 -28.25
C GLN A 319 -3.32 13.41 -29.41
N PHE A 320 -3.14 14.49 -30.15
CA PHE A 320 -2.13 14.65 -31.24
C PHE A 320 -0.75 14.99 -30.65
N LEU A 321 0.30 14.90 -31.51
CA LEU A 321 1.64 15.38 -31.11
C LEU A 321 1.54 16.80 -30.54
N GLY A 322 2.14 17.03 -29.38
CA GLY A 322 2.20 18.30 -28.67
C GLY A 322 0.93 18.66 -27.88
N ASP A 323 -0.09 17.81 -27.87
CA ASP A 323 -1.30 18.08 -27.03
C ASP A 323 -1.04 17.71 -25.58
N ALA A 324 -1.43 18.59 -24.66
CA ALA A 324 -1.44 18.35 -23.18
C ALA A 324 -2.87 18.09 -22.74
N VAL A 325 -3.16 16.91 -22.20
CA VAL A 325 -4.50 16.53 -21.66
C VAL A 325 -4.47 16.78 -20.14
N PHE A 326 -5.39 17.60 -19.61
CA PHE A 326 -5.59 17.88 -18.18
C PHE A 326 -6.68 16.92 -17.68
N ILE A 327 -6.32 16.04 -16.73
CA ILE A 327 -7.23 14.98 -16.19
C ILE A 327 -7.63 15.34 -14.75
N PRO A 328 -8.91 15.68 -14.50
CA PRO A 328 -9.33 16.06 -13.16
C PRO A 328 -9.22 14.89 -12.14
N ALA A 329 -8.77 15.21 -10.91
CA ALA A 329 -8.77 14.22 -9.80
C ALA A 329 -10.12 13.52 -9.69
N GLY A 330 -10.07 12.19 -9.51
CA GLY A 330 -11.30 11.39 -9.34
C GLY A 330 -11.97 10.97 -10.65
N ALA A 331 -11.55 11.50 -11.82
CA ALA A 331 -12.16 11.22 -13.13
C ALA A 331 -11.66 9.88 -13.67
N PRO A 332 -12.54 8.87 -13.85
CA PRO A 332 -12.13 7.62 -14.47
C PRO A 332 -11.67 7.84 -15.92
N HIS A 333 -10.60 7.18 -16.37
CA HIS A 333 -10.08 7.40 -17.74
C HIS A 333 -9.31 6.17 -18.24
N GLN A 334 -9.28 6.02 -19.55
CA GLN A 334 -8.60 4.92 -20.27
C GLN A 334 -7.91 5.50 -21.52
N VAL A 335 -6.87 4.81 -22.01
CA VAL A 335 -6.00 5.29 -23.11
C VAL A 335 -5.80 4.14 -24.11
N HIS A 336 -5.92 4.41 -25.40
CA HIS A 336 -5.74 3.45 -26.52
C HIS A 336 -4.79 4.08 -27.54
N ASN A 337 -3.54 3.65 -27.63
CA ASN A 337 -2.58 4.26 -28.60
C ASN A 337 -2.98 3.89 -30.05
N LEU A 338 -2.97 4.89 -30.92
CA LEU A 338 -3.27 4.73 -32.38
C LEU A 338 -1.94 4.43 -33.08
N TYR A 339 -0.93 5.22 -32.75
CA TYR A 339 0.46 5.00 -33.23
C TYR A 339 1.36 4.82 -32.00
N SER A 340 2.68 4.61 -32.21
CA SER A 340 3.65 4.52 -31.09
C SER A 340 3.80 5.90 -30.42
N CYS A 341 3.69 5.94 -29.09
CA CYS A 341 3.65 7.21 -28.32
C CYS A 341 4.71 7.25 -27.23
N ILE A 342 5.28 8.44 -27.06
CA ILE A 342 6.02 8.84 -25.86
C ILE A 342 5.18 9.92 -25.17
N LYS A 343 4.70 9.66 -23.98
CA LYS A 343 3.92 10.64 -23.17
C LYS A 343 4.71 10.93 -21.89
N VAL A 344 4.65 12.17 -21.38
CA VAL A 344 5.23 12.54 -20.07
C VAL A 344 4.14 13.24 -19.26
N ALA A 345 3.94 12.80 -18.03
CA ALA A 345 2.84 13.32 -17.17
C ALA A 345 3.39 13.83 -15.83
N GLU A 346 2.76 14.88 -15.32
CA GLU A 346 3.07 15.46 -13.98
C GLU A 346 1.79 15.52 -13.15
N ASP A 347 1.81 15.06 -11.93
CA ASP A 347 0.67 15.19 -11.00
C ASP A 347 0.73 16.56 -10.29
N PHE A 348 -0.42 17.08 -9.88
CA PHE A 348 -0.52 18.35 -9.11
C PHE A 348 -1.81 18.29 -8.28
N VAL A 349 -2.01 19.20 -7.32
CA VAL A 349 -3.23 19.20 -6.47
C VAL A 349 -3.86 20.59 -6.51
N SER A 350 -4.84 20.79 -7.39
CA SER A 350 -5.50 22.11 -7.49
C SER A 350 -6.47 22.28 -6.32
N PRO A 351 -6.74 23.54 -5.92
CA PRO A 351 -7.70 23.78 -4.87
C PRO A 351 -9.11 23.34 -5.29
N GLU A 352 -9.43 23.43 -6.61
CA GLU A 352 -10.74 23.03 -7.15
C GLU A 352 -11.10 21.57 -6.81
N HIS A 353 -10.11 20.68 -6.70
CA HIS A 353 -10.39 19.22 -6.66
C HIS A 353 -9.76 18.56 -5.42
N VAL A 354 -9.28 19.33 -4.47
CA VAL A 354 -8.58 18.79 -3.26
C VAL A 354 -9.47 17.81 -2.49
N LYS A 355 -10.80 17.93 -2.49
CA LYS A 355 -11.67 16.94 -1.80
C LYS A 355 -11.34 15.50 -2.20
N HIS A 356 -10.86 15.23 -3.42
CA HIS A 356 -10.70 13.83 -3.89
C HIS A 356 -9.52 13.12 -3.20
N CYS A 357 -8.61 13.84 -2.55
CA CYS A 357 -7.43 13.20 -1.85
C CYS A 357 -7.56 13.28 -0.32
N PHE A 358 -8.66 13.80 0.21
CA PHE A 358 -8.89 13.92 1.68
C PHE A 358 -9.17 12.50 2.22
N ARG A 359 -8.56 12.17 3.36
CA ARG A 359 -8.58 10.80 3.96
C ARG A 359 -9.78 10.64 4.90
N LEU A 360 -10.67 11.62 5.10
CA LEU A 360 -11.88 11.42 5.95
C LEU A 360 -13.20 11.63 5.18
N THR A 361 -14.29 11.09 5.74
CA THR A 361 -15.71 11.13 5.24
C THR A 361 -15.75 11.05 3.72
N MET B 23 -1.76 -27.84 43.82
CA MET B 23 -3.15 -27.31 43.89
C MET B 23 -3.23 -25.95 43.17
N THR B 24 -2.11 -25.39 42.74
CA THR B 24 -2.09 -24.18 41.86
C THR B 24 -3.00 -24.41 40.65
N SER B 25 -3.99 -23.55 40.46
CA SER B 25 -4.91 -23.61 39.29
C SER B 25 -4.12 -23.38 37.98
N HIS B 26 -4.16 -24.37 37.11
CA HIS B 26 -3.45 -24.39 35.81
C HIS B 26 -4.10 -25.36 34.83
N SER B 27 -3.77 -25.21 33.55
CA SER B 27 -4.09 -26.20 32.47
C SER B 27 -3.03 -26.12 31.39
N TRP B 28 -3.05 -27.04 30.44
CA TRP B 28 -2.02 -27.21 29.40
C TRP B 28 -2.69 -27.03 28.04
N LEU B 29 -2.27 -26.04 27.25
CA LEU B 29 -2.80 -25.82 25.87
C LEU B 29 -1.72 -26.16 24.84
N CYS B 30 -1.95 -25.81 23.56
CA CYS B 30 -1.04 -26.17 22.45
C CYS B 30 -0.70 -27.67 22.57
N ASP B 31 -1.74 -28.50 22.74
CA ASP B 31 -1.65 -29.98 22.84
C ASP B 31 -0.59 -30.36 23.90
N GLY B 32 -0.72 -29.86 25.14
CA GLY B 32 0.16 -30.14 26.29
C GLY B 32 1.46 -29.31 26.40
N ARG B 33 1.79 -28.41 25.46
CA ARG B 33 3.14 -27.77 25.36
C ARG B 33 3.13 -26.31 25.88
N LEU B 34 1.96 -25.78 26.30
CA LEU B 34 1.87 -24.40 26.84
C LEU B 34 1.24 -24.41 28.22
N LEU B 35 1.99 -24.02 29.27
CA LEU B 35 1.42 -23.82 30.62
C LEU B 35 0.49 -22.60 30.62
N CYS B 36 -0.72 -22.74 31.15
CA CYS B 36 -1.69 -21.66 31.39
C CYS B 36 -1.98 -21.59 32.89
N LEU B 37 -1.50 -20.57 33.61
CA LEU B 37 -1.83 -20.33 35.04
C LEU B 37 -3.07 -19.45 35.14
N HIS B 38 -4.02 -19.79 36.02
CA HIS B 38 -5.39 -19.16 36.03
C HIS B 38 -5.61 -18.18 37.17
N ASP B 39 -4.78 -18.15 38.22
CA ASP B 39 -4.88 -17.15 39.30
C ASP B 39 -3.63 -16.28 39.29
N PRO B 40 -3.75 -15.03 38.76
CA PRO B 40 -2.59 -14.15 38.61
C PRO B 40 -1.89 -13.80 39.92
N SER B 41 -2.56 -13.90 41.07
CA SER B 41 -2.05 -13.47 42.39
C SER B 41 -1.64 -14.65 43.28
N ASN B 42 -1.63 -15.90 42.79
CA ASN B 42 -1.24 -17.07 43.61
C ASN B 42 0.29 -17.05 43.81
N LYS B 43 0.74 -16.99 45.07
CA LYS B 43 2.16 -16.89 45.45
C LYS B 43 2.96 -18.15 45.05
N ASN B 44 2.31 -19.25 44.69
CA ASN B 44 3.00 -20.50 44.28
C ASN B 44 3.10 -20.64 42.76
N ASN B 45 2.65 -19.65 41.96
CA ASN B 45 2.76 -19.72 40.47
C ASN B 45 4.16 -20.09 40.01
N TRP B 46 5.21 -19.58 40.68
CA TRP B 46 6.61 -19.81 40.28
C TRP B 46 6.97 -21.32 40.21
N LYS B 47 6.34 -22.16 41.02
CA LYS B 47 6.75 -23.60 41.14
C LYS B 47 6.69 -24.33 39.79
N ILE B 48 5.57 -24.25 39.06
CA ILE B 48 5.39 -24.97 37.76
C ILE B 48 6.00 -24.12 36.61
N PHE B 49 5.96 -22.79 36.75
CA PHE B 49 6.53 -21.86 35.75
C PHE B 49 8.01 -22.16 35.51
N ARG B 50 8.78 -22.42 36.59
CA ARG B 50 10.28 -22.48 36.54
C ARG B 50 10.76 -23.45 35.45
N GLU B 51 10.28 -24.72 35.42
CA GLU B 51 10.83 -25.70 34.46
C GLU B 51 10.37 -25.38 33.04
N CYS B 52 9.15 -24.87 32.83
CA CYS B 52 8.75 -24.44 31.45
C CYS B 52 9.71 -23.34 30.94
N TRP B 53 9.97 -22.37 31.81
CA TRP B 53 10.88 -21.22 31.49
C TRP B 53 12.30 -21.68 31.27
N LYS B 54 12.79 -22.65 32.06
CA LYS B 54 14.17 -23.17 31.86
C LYS B 54 14.27 -23.89 30.51
N GLN B 55 13.22 -24.56 30.06
CA GLN B 55 13.20 -25.27 28.77
C GLN B 55 12.97 -24.28 27.60
N GLY B 56 12.82 -22.99 27.86
CA GLY B 56 12.70 -21.94 26.81
C GLY B 56 11.30 -21.83 26.23
N GLN B 57 10.28 -22.23 26.96
CA GLN B 57 8.88 -22.16 26.49
C GLN B 57 8.28 -20.80 26.88
N PRO B 58 7.34 -20.26 26.07
CA PRO B 58 6.45 -19.22 26.56
C PRO B 58 5.46 -19.80 27.58
N VAL B 59 4.87 -18.94 28.40
CA VAL B 59 3.86 -19.26 29.43
C VAL B 59 2.74 -18.23 29.35
N LEU B 60 1.48 -18.62 29.59
CA LEU B 60 0.35 -17.66 29.66
C LEU B 60 -0.23 -17.61 31.07
N VAL B 61 -0.60 -16.42 31.54
CA VAL B 61 -1.29 -16.23 32.83
C VAL B 61 -2.60 -15.50 32.51
N SER B 62 -3.76 -16.07 32.86
CA SER B 62 -5.09 -15.48 32.59
C SER B 62 -5.61 -14.66 33.76
N GLY B 63 -6.60 -13.80 33.53
CA GLY B 63 -7.35 -13.09 34.60
C GLY B 63 -6.77 -11.76 35.07
N VAL B 64 -5.75 -11.19 34.41
CA VAL B 64 -5.07 -9.95 34.93
C VAL B 64 -6.09 -8.77 34.87
N HIS B 65 -7.03 -8.80 33.93
CA HIS B 65 -8.04 -7.72 33.71
C HIS B 65 -8.90 -7.55 34.97
N LYS B 66 -9.18 -8.66 35.66
CA LYS B 66 -9.99 -8.65 36.91
C LYS B 66 -9.26 -7.89 38.01
N LYS B 67 -7.93 -7.76 37.96
CA LYS B 67 -7.12 -7.04 38.97
C LYS B 67 -6.98 -5.55 38.66
N LEU B 68 -7.27 -5.11 37.43
CA LEU B 68 -7.05 -3.68 37.03
C LEU B 68 -8.32 -2.84 37.28
N LYS B 69 -8.15 -1.52 37.26
CA LYS B 69 -9.27 -0.54 37.19
C LYS B 69 -9.72 -0.37 35.73
N SER B 70 -10.80 -1.01 35.33
CA SER B 70 -11.21 -1.13 33.90
C SER B 70 -11.40 0.27 33.27
N GLU B 71 -11.80 1.29 34.04
CA GLU B 71 -12.09 2.66 33.52
C GLU B 71 -10.79 3.37 33.07
N LEU B 72 -9.60 2.95 33.53
CA LEU B 72 -8.31 3.53 33.13
C LEU B 72 -7.90 3.05 31.72
N TRP B 73 -8.47 1.96 31.22
CA TRP B 73 -7.91 1.25 30.05
C TRP B 73 -8.87 1.35 28.86
N LYS B 74 -9.76 2.35 28.80
CA LYS B 74 -10.78 2.47 27.72
C LYS B 74 -10.31 3.43 26.62
N PRO B 75 -10.55 3.10 25.33
CA PRO B 75 -10.18 4.00 24.23
C PRO B 75 -10.73 5.43 24.39
N GLU B 76 -11.98 5.56 24.85
CA GLU B 76 -12.65 6.87 25.08
C GLU B 76 -11.86 7.72 26.09
N ALA B 77 -11.31 7.12 27.15
CA ALA B 77 -10.49 7.81 28.18
C ALA B 77 -9.17 8.28 27.58
N PHE B 78 -8.48 7.50 26.75
CA PHE B 78 -7.18 7.94 26.15
C PHE B 78 -7.46 9.15 25.22
N SER B 79 -8.55 9.12 24.47
CA SER B 79 -8.97 10.18 23.52
C SER B 79 -9.27 11.49 24.28
N GLN B 80 -10.10 11.44 25.33
CA GLN B 80 -10.51 12.67 26.08
C GLN B 80 -9.28 13.24 26.80
N GLU B 81 -8.38 12.39 27.32
CA GLU B 81 -7.27 12.88 28.14
C GLU B 81 -6.10 13.37 27.29
N PHE B 82 -5.84 12.77 26.12
CA PHE B 82 -4.53 12.98 25.41
C PHE B 82 -4.74 13.25 23.92
N GLY B 83 -5.97 13.51 23.48
CA GLY B 83 -6.40 13.46 22.06
C GLY B 83 -5.82 14.58 21.21
N ASP B 84 -5.30 15.67 21.80
CA ASP B 84 -4.79 16.82 21.00
C ASP B 84 -3.28 16.74 20.86
N GLN B 85 -2.64 15.64 21.29
CA GLN B 85 -1.19 15.38 21.02
C GLN B 85 -1.00 15.03 19.54
N ASP B 86 0.17 15.35 19.01
CA ASP B 86 0.53 14.98 17.61
C ASP B 86 1.28 13.66 17.63
N VAL B 87 1.02 12.82 16.63
CA VAL B 87 1.62 11.46 16.60
C VAL B 87 1.75 10.94 15.15
N ASP B 88 2.57 9.91 14.96
CA ASP B 88 2.65 9.18 13.67
C ASP B 88 1.89 7.86 13.79
N LEU B 89 1.23 7.45 12.71
CA LEU B 89 0.57 6.13 12.60
C LEU B 89 1.30 5.32 11.53
N VAL B 90 1.14 3.99 11.58
CA VAL B 90 1.65 3.05 10.54
C VAL B 90 0.44 2.33 9.92
N ASN B 91 0.38 2.30 8.59
CA ASN B 91 -0.56 1.50 7.79
C ASN B 91 -0.03 0.06 7.78
N CYS B 92 -0.70 -0.85 8.47
CA CYS B 92 -0.26 -2.27 8.67
C CYS B 92 -0.21 -3.02 7.33
N ARG B 93 -1.04 -2.66 6.34
CA ARG B 93 -1.10 -3.36 5.02
C ARG B 93 0.15 -3.05 4.15
N ASN B 94 0.78 -1.87 4.26
CA ASN B 94 1.88 -1.46 3.33
C ASN B 94 3.08 -0.86 4.08
N CYS B 95 3.05 -0.82 5.41
CA CYS B 95 4.14 -0.29 6.29
C CYS B 95 4.35 1.22 6.12
N ALA B 96 3.49 1.93 5.37
CA ALA B 96 3.60 3.41 5.20
C ALA B 96 3.38 4.16 6.53
N ILE B 97 4.14 5.23 6.75
CA ILE B 97 3.96 6.17 7.90
C ILE B 97 2.99 7.29 7.50
N ILE B 98 1.94 7.51 8.30
CA ILE B 98 1.05 8.70 8.23
C ILE B 98 1.51 9.67 9.34
N SER B 99 2.23 10.74 8.97
CA SER B 99 2.97 11.61 9.92
C SER B 99 2.11 12.77 10.44
N ASP B 100 2.25 13.03 11.73
CA ASP B 100 1.82 14.28 12.36
C ASP B 100 0.30 14.46 12.26
N VAL B 101 -0.46 13.47 12.73
CA VAL B 101 -1.93 13.58 12.89
C VAL B 101 -2.23 13.62 14.40
N LYS B 102 -3.51 13.81 14.74
CA LYS B 102 -3.95 13.93 16.16
C LYS B 102 -4.25 12.52 16.68
N VAL B 103 -3.81 12.26 17.91
CA VAL B 103 -4.05 11.01 18.71
C VAL B 103 -5.56 10.71 18.67
N ARG B 104 -6.46 11.71 18.77
CA ARG B 104 -7.92 11.45 18.77
C ARG B 104 -8.38 10.86 17.42
N ASP B 105 -7.66 11.11 16.32
CA ASP B 105 -8.09 10.55 15.01
C ASP B 105 -7.77 9.04 14.98
N PHE B 106 -6.80 8.55 15.76
CA PHE B 106 -6.57 7.09 15.95
C PHE B 106 -7.69 6.54 16.85
N TRP B 107 -7.87 7.09 18.05
CA TRP B 107 -8.80 6.48 19.05
C TRP B 107 -10.24 6.57 18.56
N ASP B 108 -10.63 7.61 17.82
CA ASP B 108 -12.06 7.75 17.47
C ASP B 108 -12.50 6.72 16.42
N GLY B 109 -11.57 6.09 15.67
CA GLY B 109 -11.86 4.96 14.78
C GLY B 109 -11.55 3.58 15.37
N PHE B 110 -11.17 3.50 16.65
CA PHE B 110 -10.73 2.21 17.26
C PHE B 110 -11.80 1.12 17.06
N GLU B 111 -13.07 1.49 17.26
CA GLU B 111 -14.20 0.52 17.16
C GLU B 111 -15.28 0.94 16.17
N ILE B 112 -15.18 2.12 15.57
CA ILE B 112 -16.15 2.64 14.53
C ILE B 112 -15.43 2.75 13.18
N ILE B 113 -15.62 1.78 12.30
CA ILE B 113 -14.82 1.66 11.04
C ILE B 113 -15.03 2.87 10.12
N CYS B 114 -16.23 3.47 10.10
CA CYS B 114 -16.53 4.57 9.13
C CYS B 114 -15.80 5.87 9.56
N LYS B 115 -15.27 5.94 10.79
CA LYS B 115 -14.53 7.13 11.30
C LYS B 115 -13.00 7.01 11.04
N ARG B 116 -12.54 5.93 10.44
CA ARG B 116 -11.09 5.70 10.25
C ARG B 116 -10.54 6.53 9.08
N LEU B 117 -9.27 6.97 9.17
CA LEU B 117 -8.52 7.50 8.01
C LEU B 117 -8.48 6.45 6.90
N ARG B 118 -8.66 6.89 5.64
CA ARG B 118 -8.70 6.04 4.42
C ARG B 118 -7.40 6.13 3.61
N SER B 119 -7.13 5.05 2.85
CA SER B 119 -5.99 4.94 1.93
C SER B 119 -6.45 5.49 0.55
N GLU B 120 -5.54 5.56 -0.40
CA GLU B 120 -5.71 6.04 -1.80
C GLU B 120 -6.92 5.34 -2.45
N ASP B 121 -7.17 4.06 -2.12
CA ASP B 121 -8.27 3.24 -2.71
C ASP B 121 -9.62 3.54 -2.06
N GLY B 122 -9.73 4.54 -1.17
CA GLY B 122 -10.98 4.83 -0.46
C GLY B 122 -11.34 3.83 0.64
N GLN B 123 -10.47 2.86 0.95
CA GLN B 123 -10.76 1.86 2.02
C GLN B 123 -10.29 2.39 3.39
N PRO B 124 -11.04 2.13 4.48
CA PRO B 124 -10.57 2.41 5.83
C PRO B 124 -9.27 1.65 6.12
N MET B 125 -8.30 2.34 6.71
CA MET B 125 -6.97 1.72 6.90
C MET B 125 -7.03 0.88 8.21
N VAL B 126 -6.17 -0.11 8.26
CA VAL B 126 -5.80 -0.83 9.53
C VAL B 126 -4.53 -0.16 10.03
N LEU B 127 -4.63 0.58 11.15
CA LEU B 127 -3.56 1.48 11.63
C LEU B 127 -3.01 0.98 12.98
N LYS B 128 -1.73 1.22 13.20
CA LYS B 128 -1.13 1.12 14.57
C LYS B 128 -0.56 2.47 14.98
N LEU B 129 -0.73 2.78 16.22
CA LEU B 129 -0.17 4.00 16.79
C LEU B 129 1.32 3.73 17.03
N LYS B 130 2.19 4.58 16.48
CA LYS B 130 3.66 4.43 16.58
C LYS B 130 4.22 5.16 17.82
N ASP B 131 5.00 4.45 18.63
CA ASP B 131 5.87 5.04 19.69
C ASP B 131 5.03 5.95 20.57
N TRP B 132 3.96 5.43 21.17
CA TRP B 132 3.12 6.27 22.06
C TRP B 132 2.71 5.51 23.32
N PRO B 133 2.83 6.11 24.52
CA PRO B 133 3.60 7.31 24.76
C PRO B 133 5.04 7.13 24.28
N PRO B 134 5.69 8.22 23.82
CA PRO B 134 7.00 8.14 23.18
C PRO B 134 8.15 7.84 24.15
N GLY B 135 9.11 7.05 23.67
CA GLY B 135 10.33 6.72 24.40
C GLY B 135 9.98 6.09 25.72
N GLU B 136 10.36 6.75 26.84
CA GLU B 136 10.23 6.28 28.23
C GLU B 136 9.26 7.22 28.97
N ASP B 137 8.35 7.88 28.25
CA ASP B 137 7.44 8.88 28.85
C ASP B 137 6.23 8.25 29.54
N PHE B 138 6.04 6.92 29.47
CA PHE B 138 4.81 6.23 29.96
C PHE B 138 4.59 6.61 31.42
N ARG B 139 5.60 6.46 32.28
CA ARG B 139 5.42 6.79 33.72
C ARG B 139 5.05 8.27 33.90
N ASP B 140 5.77 9.21 33.27
CA ASP B 140 5.54 10.67 33.41
C ASP B 140 4.18 11.05 32.85
N MET B 141 3.81 10.53 31.67
CA MET B 141 2.55 10.98 31.01
C MET B 141 1.35 10.34 31.71
N MET B 142 1.49 9.10 32.18
CA MET B 142 0.33 8.28 32.62
C MET B 142 0.62 7.63 33.99
N PRO B 143 0.85 8.43 35.05
CA PRO B 143 1.26 7.86 36.34
C PRO B 143 0.28 6.89 37.04
N THR B 144 -1.03 7.12 36.94
CA THR B 144 -2.08 6.24 37.54
C THR B 144 -2.17 4.91 36.78
N ARG B 145 -2.07 4.91 35.45
CA ARG B 145 -1.95 3.66 34.63
C ARG B 145 -0.67 2.89 34.97
N PHE B 146 0.46 3.55 35.14
CA PHE B 146 1.74 2.91 35.51
C PHE B 146 1.56 2.17 36.83
N GLU B 147 0.99 2.84 37.85
CA GLU B 147 0.77 2.23 39.19
C GLU B 147 -0.17 1.02 39.04
N ASP B 148 -1.29 1.17 38.33
CA ASP B 148 -2.32 0.11 38.17
C ASP B 148 -1.68 -1.14 37.55
N LEU B 149 -0.87 -0.98 36.50
CA LEU B 149 -0.25 -2.14 35.81
C LEU B 149 0.84 -2.79 36.70
N MET B 150 1.79 -2.03 37.24
CA MET B 150 2.97 -2.64 37.94
C MET B 150 2.51 -3.36 39.20
N GLU B 151 1.52 -2.83 39.93
CA GLU B 151 1.03 -3.45 41.17
C GLU B 151 0.35 -4.78 40.83
N ASN B 152 -0.03 -5.03 39.57
CA ASN B 152 -0.87 -6.21 39.26
C ASN B 152 -0.20 -7.14 38.24
N LEU B 153 1.08 -6.95 37.95
CA LEU B 153 1.80 -7.85 37.01
C LEU B 153 1.95 -9.22 37.67
N PRO B 154 1.68 -10.30 36.94
CA PRO B 154 1.92 -11.64 37.49
C PRO B 154 3.42 -11.97 37.58
N LEU B 155 3.72 -13.06 38.31
CA LEU B 155 5.12 -13.49 38.59
C LEU B 155 5.97 -12.29 39.02
N PRO B 156 5.54 -11.55 40.06
CA PRO B 156 6.15 -10.26 40.39
C PRO B 156 7.64 -10.39 40.85
N GLU B 157 8.07 -11.53 41.40
CA GLU B 157 9.49 -11.71 41.78
C GLU B 157 10.35 -11.66 40.51
N TYR B 158 9.79 -12.01 39.33
CA TYR B 158 10.47 -12.00 38.03
C TYR B 158 10.24 -10.64 37.32
N THR B 159 9.04 -10.05 37.42
CA THR B 159 8.62 -8.95 36.48
C THR B 159 8.73 -7.53 37.09
N LYS B 160 8.66 -7.35 38.40
CA LYS B 160 8.80 -5.98 39.04
C LYS B 160 10.29 -5.56 39.18
N ARG B 161 10.59 -4.26 39.19
N ARG B 161 10.55 -4.25 39.21
CA ARG B 161 11.99 -3.75 39.24
CA ARG B 161 11.92 -3.68 39.25
C ARG B 161 12.71 -4.29 40.48
C ARG B 161 12.70 -4.21 40.47
N ASP B 162 12.04 -4.33 41.62
CA ASP B 162 12.69 -4.80 42.88
C ASP B 162 12.37 -6.27 43.12
N GLY B 163 11.91 -7.02 42.12
CA GLY B 163 11.65 -8.47 42.24
C GLY B 163 12.90 -9.23 42.70
N ARG B 164 12.76 -10.25 43.56
CA ARG B 164 13.89 -11.07 44.06
C ARG B 164 14.71 -11.63 42.88
N LEU B 165 14.05 -12.03 41.78
CA LEU B 165 14.71 -12.76 40.65
C LEU B 165 14.70 -11.90 39.38
N ASN B 166 14.43 -10.60 39.44
CA ASN B 166 14.66 -9.70 38.29
C ASN B 166 16.09 -9.14 38.45
N LEU B 167 16.99 -9.42 37.49
CA LEU B 167 18.41 -8.97 37.52
C LEU B 167 18.60 -7.64 36.77
N ALA B 168 17.57 -7.08 36.13
CA ALA B 168 17.70 -5.93 35.20
C ALA B 168 18.35 -4.73 35.90
N SER B 169 17.97 -4.40 37.14
CA SER B 169 18.54 -3.19 37.82
C SER B 169 19.95 -3.42 38.36
N ARG B 170 20.41 -4.66 38.45
CA ARG B 170 21.72 -5.01 39.06
C ARG B 170 22.82 -5.24 38.02
N LEU B 171 22.53 -5.65 36.79
CA LEU B 171 23.57 -6.07 35.79
C LEU B 171 24.08 -4.87 34.98
N PRO B 172 25.38 -4.92 34.60
CA PRO B 172 25.94 -3.94 33.66
C PRO B 172 25.30 -3.94 32.27
N SER B 173 25.61 -2.88 31.50
CA SER B 173 24.99 -2.60 30.18
C SER B 173 25.27 -3.69 29.14
N TYR B 174 26.31 -4.52 29.30
CA TYR B 174 26.61 -5.65 28.38
C TYR B 174 25.61 -6.82 28.55
N PHE B 175 24.69 -6.77 29.54
CA PHE B 175 23.56 -7.74 29.70
C PHE B 175 22.22 -7.12 29.30
N VAL B 176 22.04 -5.81 29.55
CA VAL B 176 20.68 -5.19 29.58
C VAL B 176 20.74 -3.67 29.49
N ARG B 177 19.77 -3.08 28.80
CA ARG B 177 19.65 -1.60 28.71
C ARG B 177 19.22 -1.07 30.07
N PRO B 178 19.75 0.10 30.51
CA PRO B 178 19.36 0.66 31.81
C PRO B 178 17.92 1.21 31.86
N ASP B 179 17.38 1.30 33.09
CA ASP B 179 16.08 1.94 33.45
C ASP B 179 14.98 1.43 32.51
N LEU B 180 14.62 0.13 32.60
CA LEU B 180 13.50 -0.49 31.83
C LEU B 180 12.19 0.14 32.36
N GLY B 181 11.26 0.48 31.45
CA GLY B 181 9.87 0.91 31.77
C GLY B 181 8.88 0.30 30.78
N PRO B 182 7.57 0.33 31.08
CA PRO B 182 6.58 -0.32 30.22
C PRO B 182 6.37 0.44 28.91
N LYS B 183 5.87 -0.29 27.91
CA LYS B 183 5.60 0.20 26.53
C LYS B 183 4.18 -0.22 26.15
N MET B 184 3.44 0.69 25.57
CA MET B 184 2.02 0.48 25.18
C MET B 184 1.99 0.16 23.71
N TYR B 185 1.18 -0.81 23.27
CA TYR B 185 1.02 -1.22 21.85
C TYR B 185 -0.47 -1.19 21.48
N ASN B 186 -0.83 -0.26 20.58
CA ASN B 186 -2.22 0.10 20.24
C ASN B 186 -2.38 -0.07 18.72
N ALA B 187 -3.27 -0.96 18.27
CA ALA B 187 -3.50 -1.13 16.82
C ALA B 187 -4.89 -1.66 16.56
N TYR B 188 -5.44 -1.36 15.38
CA TYR B 188 -6.74 -1.87 14.92
C TYR B 188 -6.62 -3.39 14.60
N GLY B 189 -7.78 -4.08 14.55
CA GLY B 189 -7.92 -5.47 14.05
C GLY B 189 -7.71 -5.61 12.55
N LEU B 190 -7.00 -6.63 12.10
CA LEU B 190 -6.99 -7.02 10.67
C LEU B 190 -8.35 -7.65 10.29
N ILE B 191 -8.80 -7.45 9.03
CA ILE B 191 -10.26 -7.58 8.66
C ILE B 191 -10.48 -8.59 7.52
N THR B 192 -9.75 -8.46 6.40
CA THR B 192 -10.05 -9.16 5.11
C THR B 192 -9.32 -10.51 4.99
N ALA B 193 -9.64 -11.28 3.94
CA ALA B 193 -8.95 -12.53 3.56
C ALA B 193 -7.50 -12.22 3.19
N GLU B 194 -7.24 -11.14 2.43
CA GLU B 194 -5.86 -10.70 2.07
C GLU B 194 -5.11 -10.37 3.39
N ASP B 195 -5.82 -9.81 4.38
CA ASP B 195 -5.24 -9.40 5.70
C ASP B 195 -4.74 -10.64 6.47
N ARG B 196 -5.19 -11.85 6.15
CA ARG B 196 -4.75 -13.06 6.90
C ARG B 196 -3.22 -13.21 6.82
N ARG B 197 -2.56 -12.72 5.76
CA ARG B 197 -1.12 -12.92 5.51
C ARG B 197 -0.31 -11.72 6.03
N VAL B 198 -0.94 -10.77 6.73
CA VAL B 198 -0.30 -9.52 7.25
C VAL B 198 -0.09 -9.66 8.77
N GLY B 199 1.00 -9.10 9.27
CA GLY B 199 1.25 -8.92 10.72
C GLY B 199 0.81 -7.55 11.23
N THR B 200 0.32 -7.46 12.47
CA THR B 200 0.31 -6.23 13.28
C THR B 200 1.79 -5.90 13.63
N THR B 201 2.53 -6.91 14.11
CA THR B 201 3.98 -6.81 14.40
C THR B 201 4.67 -7.96 13.67
N ASN B 202 5.63 -7.67 12.79
CA ASN B 202 6.30 -8.69 11.94
C ASN B 202 7.22 -9.54 12.81
N LEU B 203 7.60 -10.72 12.31
CA LEU B 203 8.55 -11.65 12.97
C LEU B 203 9.83 -10.87 13.39
N HIS B 204 10.21 -10.96 14.66
CA HIS B 204 11.42 -10.29 15.22
C HIS B 204 11.83 -11.06 16.49
N LEU B 205 12.95 -10.68 17.13
CA LEU B 205 13.25 -11.12 18.50
C LEU B 205 13.64 -9.90 19.35
N ASP B 206 13.59 -10.07 20.67
CA ASP B 206 13.95 -9.05 21.69
C ASP B 206 15.14 -9.59 22.50
N VAL B 207 16.00 -8.69 22.98
CA VAL B 207 17.30 -9.07 23.61
C VAL B 207 17.10 -9.33 25.11
N SER B 208 15.91 -9.04 25.64
CA SER B 208 15.61 -9.31 27.08
C SER B 208 14.38 -10.21 27.17
N ASP B 209 14.07 -10.74 28.35
CA ASP B 209 12.76 -11.40 28.61
C ASP B 209 11.67 -10.33 28.59
N ALA B 210 10.40 -10.68 28.35
CA ALA B 210 9.27 -9.73 28.44
C ALA B 210 7.95 -10.44 28.83
N VAL B 211 7.06 -9.67 29.42
CA VAL B 211 5.63 -10.01 29.64
C VAL B 211 4.76 -8.99 28.91
N ASN B 212 3.74 -9.47 28.21
CA ASN B 212 2.80 -8.62 27.42
C ASN B 212 1.38 -8.89 27.91
N VAL B 213 0.71 -7.86 28.46
CA VAL B 213 -0.67 -7.97 29.03
C VAL B 213 -1.72 -7.33 28.09
N MET B 214 -2.72 -8.09 27.69
CA MET B 214 -3.91 -7.56 26.94
C MET B 214 -4.81 -6.82 27.93
N VAL B 215 -4.90 -5.47 27.85
CA VAL B 215 -5.71 -4.68 28.83
C VAL B 215 -7.06 -4.23 28.23
N TYR B 216 -7.27 -4.30 26.92
CA TYR B 216 -8.59 -3.93 26.31
C TYR B 216 -8.73 -4.59 24.94
N VAL B 217 -9.92 -5.12 24.63
CA VAL B 217 -10.25 -5.65 23.28
C VAL B 217 -11.56 -4.99 22.80
N GLY B 218 -11.49 -4.30 21.66
CA GLY B 218 -12.59 -3.54 21.05
C GLY B 218 -13.13 -4.30 19.85
N ILE B 219 -14.38 -4.68 19.93
CA ILE B 219 -15.13 -5.40 18.86
C ILE B 219 -16.11 -4.42 18.19
N PRO B 220 -15.84 -3.94 16.96
CA PRO B 220 -16.82 -3.15 16.20
C PRO B 220 -18.12 -3.93 15.90
N ILE B 221 -19.24 -3.23 15.59
CA ILE B 221 -20.48 -3.81 14.99
C ILE B 221 -20.85 -3.05 13.71
N ALA B 225 -21.24 -8.12 12.67
CA ALA B 225 -20.59 -9.37 13.14
C ALA B 225 -19.89 -10.07 11.96
N HIS B 226 -18.59 -9.84 11.80
CA HIS B 226 -17.70 -10.61 10.87
C HIS B 226 -16.77 -11.48 11.72
N ASP B 227 -17.36 -12.24 12.66
CA ASP B 227 -16.75 -13.38 13.38
C ASP B 227 -16.27 -14.45 12.38
N GLU B 228 -16.68 -14.32 11.11
CA GLU B 228 -16.47 -15.34 10.03
C GLU B 228 -14.97 -15.47 9.71
N GLU B 229 -14.36 -14.38 9.24
CA GLU B 229 -12.94 -14.32 8.85
C GLU B 229 -12.07 -14.57 10.10
N VAL B 230 -12.52 -14.09 11.28
CA VAL B 230 -11.78 -14.25 12.57
C VAL B 230 -11.69 -15.75 12.91
N LEU B 231 -12.80 -16.51 12.85
CA LEU B 231 -12.79 -17.97 13.16
C LEU B 231 -11.91 -18.72 12.14
N LYS B 232 -11.95 -18.34 10.86
CA LYS B 232 -11.09 -18.97 9.82
C LYS B 232 -9.62 -18.58 10.06
N THR B 233 -9.33 -17.36 10.54
CA THR B 233 -7.92 -16.92 10.77
C THR B 233 -7.33 -17.74 11.93
N ILE B 234 -8.15 -17.97 12.96
CA ILE B 234 -7.78 -18.81 14.14
C ILE B 234 -7.47 -20.22 13.67
N ASP B 235 -8.28 -20.76 12.74
CA ASP B 235 -8.18 -22.18 12.29
C ASP B 235 -6.91 -22.38 11.45
N GLU B 236 -6.78 -21.62 10.36
CA GLU B 236 -5.60 -21.59 9.45
C GLU B 236 -4.32 -21.27 10.27
N GLY B 237 -4.48 -20.49 11.36
CA GLY B 237 -3.40 -20.09 12.29
C GLY B 237 -2.90 -21.24 13.16
N ASP B 238 -3.62 -22.37 13.19
CA ASP B 238 -3.15 -23.63 13.85
C ASP B 238 -3.41 -23.55 15.36
N ALA B 239 -4.37 -22.75 15.82
CA ALA B 239 -4.89 -22.79 17.21
C ALA B 239 -5.43 -24.19 17.56
N ASP B 240 -5.39 -24.57 18.84
CA ASP B 240 -5.77 -25.94 19.30
C ASP B 240 -7.28 -26.00 19.52
N GLU B 241 -7.88 -27.21 19.64
CA GLU B 241 -9.36 -27.36 19.64
C GLU B 241 -9.95 -26.68 20.88
N VAL B 242 -9.31 -26.80 22.04
CA VAL B 242 -9.78 -26.17 23.31
C VAL B 242 -9.97 -24.65 23.07
N THR B 243 -8.97 -24.01 22.46
CA THR B 243 -8.97 -22.55 22.13
C THR B 243 -10.16 -22.25 21.20
N LYS B 244 -10.32 -23.04 20.13
CA LYS B 244 -11.37 -22.85 19.08
C LYS B 244 -12.77 -23.02 19.67
N GLU B 245 -13.04 -24.17 20.28
CA GLU B 245 -14.40 -24.51 20.81
C GLU B 245 -14.75 -23.48 21.89
N ARG B 246 -13.72 -22.95 22.56
CA ARG B 246 -13.84 -22.00 23.70
C ARG B 246 -14.43 -20.64 23.28
N ILE B 247 -14.21 -20.19 22.05
CA ILE B 247 -14.65 -18.82 21.63
C ILE B 247 -16.17 -18.83 21.37
N HIS B 248 -16.90 -19.89 21.77
CA HIS B 248 -18.39 -19.89 21.90
C HIS B 248 -18.87 -20.77 23.08
N ASP B 249 -17.99 -21.13 24.02
CA ASP B 249 -18.31 -21.94 25.25
C ASP B 249 -18.46 -20.98 26.44
N HIS B 250 -17.59 -19.97 26.51
CA HIS B 250 -17.82 -18.65 27.16
C HIS B 250 -18.10 -17.64 26.03
N LYS B 251 -18.14 -16.35 26.34
CA LYS B 251 -18.03 -15.26 25.33
C LYS B 251 -16.84 -14.37 25.73
N GLU B 252 -15.65 -14.96 25.91
CA GLU B 252 -14.40 -14.21 26.15
C GLU B 252 -14.03 -13.54 24.84
N LYS B 253 -13.41 -12.37 24.92
CA LYS B 253 -12.98 -11.52 23.79
C LYS B 253 -11.58 -11.94 23.36
N PRO B 254 -11.42 -12.64 22.21
CA PRO B 254 -10.09 -12.90 21.64
C PRO B 254 -9.46 -11.64 21.04
N GLY B 255 -8.21 -11.30 21.40
CA GLY B 255 -7.55 -10.06 20.94
C GLY B 255 -6.59 -10.29 19.78
N ALA B 256 -5.59 -11.17 19.94
CA ALA B 256 -4.50 -11.31 18.98
C ALA B 256 -4.03 -12.76 18.87
N LEU B 257 -3.58 -13.11 17.68
CA LEU B 257 -2.99 -14.43 17.35
C LEU B 257 -1.49 -14.23 17.28
N TRP B 258 -0.77 -14.92 18.17
CA TRP B 258 0.72 -14.95 18.18
C TRP B 258 1.24 -16.24 17.54
N HIS B 259 2.41 -16.19 16.92
CA HIS B 259 3.27 -17.38 16.69
C HIS B 259 4.63 -17.11 17.35
N ILE B 260 5.03 -17.99 18.27
CA ILE B 260 6.30 -17.90 19.02
C ILE B 260 7.15 -19.12 18.69
N TYR B 261 8.44 -18.93 18.51
CA TYR B 261 9.45 -20.00 18.23
C TYR B 261 10.52 -19.97 19.33
N ALA B 262 11.09 -21.16 19.64
CA ALA B 262 12.21 -21.32 20.60
C ALA B 262 13.45 -20.53 20.13
N ALA B 263 14.16 -19.91 21.10
CA ALA B 263 15.42 -19.16 20.85
C ALA B 263 16.39 -20.05 20.05
N LYS B 264 16.42 -21.36 20.32
CA LYS B 264 17.41 -22.28 19.68
C LYS B 264 17.07 -22.55 18.20
N ASP B 265 15.89 -22.15 17.71
CA ASP B 265 15.42 -22.41 16.31
C ASP B 265 15.58 -21.15 15.47
N ALA B 266 16.16 -20.05 15.99
CA ALA B 266 16.24 -18.76 15.29
C ALA B 266 17.06 -18.94 14.00
N GLU B 267 18.19 -19.66 14.04
CA GLU B 267 19.10 -19.69 12.85
C GLU B 267 18.47 -20.52 11.72
N LYS B 268 17.77 -21.60 12.06
CA LYS B 268 16.96 -22.40 11.10
C LYS B 268 15.94 -21.47 10.42
N ILE B 269 15.32 -20.55 11.18
CA ILE B 269 14.34 -19.58 10.58
C ILE B 269 15.08 -18.64 9.62
N ARG B 270 16.26 -18.12 10.00
CA ARG B 270 17.05 -17.24 9.09
C ARG B 270 17.42 -18.00 7.79
N GLU B 271 17.75 -19.29 7.88
CA GLU B 271 18.12 -20.09 6.68
C GLU B 271 16.93 -20.11 5.72
N LEU B 272 15.73 -20.43 6.24
CA LEU B 272 14.51 -20.51 5.40
C LEU B 272 14.27 -19.17 4.70
N LEU B 273 14.30 -18.07 5.42
CA LEU B 273 13.92 -16.73 4.87
C LEU B 273 15.02 -16.15 3.96
N ARG B 274 16.30 -16.53 4.14
CA ARG B 274 17.37 -16.21 3.16
C ARG B 274 16.97 -16.85 1.82
N LYS B 275 16.72 -18.16 1.83
CA LYS B 275 16.27 -18.95 0.65
C LYS B 275 15.07 -18.25 -0.01
N VAL B 276 13.96 -18.09 0.71
CA VAL B 276 12.68 -17.56 0.16
C VAL B 276 12.89 -16.17 -0.44
N GLY B 277 13.65 -15.31 0.24
CA GLY B 277 13.99 -13.97 -0.26
C GLY B 277 14.77 -14.04 -1.56
N GLU B 278 15.65 -15.05 -1.69
CA GLU B 278 16.43 -15.32 -2.93
C GLU B 278 15.43 -15.69 -4.05
N GLU B 279 14.47 -16.57 -3.75
CA GLU B 279 13.40 -17.01 -4.70
C GLU B 279 12.56 -15.80 -5.14
N GLN B 280 12.41 -14.78 -4.29
CA GLN B 280 11.51 -13.60 -4.57
C GLN B 280 12.31 -12.43 -5.20
N GLY B 281 13.59 -12.61 -5.52
CA GLY B 281 14.38 -11.63 -6.28
C GLY B 281 15.35 -10.83 -5.43
N GLN B 282 15.11 -10.73 -4.12
CA GLN B 282 16.01 -9.98 -3.18
C GLN B 282 17.46 -10.41 -3.46
N GLU B 283 18.40 -9.46 -3.45
CA GLU B 283 19.86 -9.74 -3.55
C GLU B 283 20.50 -9.39 -2.21
N ASN B 284 20.65 -10.40 -1.34
CA ASN B 284 21.10 -10.26 0.07
C ASN B 284 22.45 -10.95 0.21
N PRO B 285 23.41 -10.41 1.02
CA PRO B 285 24.60 -11.17 1.39
C PRO B 285 24.24 -12.45 2.15
N PRO B 286 25.12 -13.47 2.20
CA PRO B 286 24.79 -14.73 2.89
C PRO B 286 24.76 -14.58 4.43
N ASP B 287 25.28 -13.45 4.93
CA ASP B 287 25.33 -13.05 6.37
C ASP B 287 24.01 -12.39 6.80
N HIS B 288 23.21 -11.93 5.83
CA HIS B 288 21.97 -11.13 6.01
C HIS B 288 21.05 -11.76 7.07
N ASP B 289 20.44 -10.94 7.93
CA ASP B 289 19.59 -11.44 9.07
C ASP B 289 18.14 -11.02 8.83
N PRO B 290 17.29 -11.92 8.30
CA PRO B 290 15.88 -11.61 8.06
C PRO B 290 15.01 -11.39 9.31
N ILE B 291 15.45 -11.90 10.48
CA ILE B 291 14.75 -11.65 11.79
C ILE B 291 15.08 -10.22 12.25
N HIS B 292 16.34 -9.81 12.17
CA HIS B 292 16.76 -8.41 12.46
C HIS B 292 16.02 -7.43 11.54
N ASP B 293 15.80 -7.76 10.27
CA ASP B 293 15.13 -6.85 9.30
C ASP B 293 13.70 -6.55 9.72
N GLN B 294 13.02 -7.45 10.46
CA GLN B 294 11.59 -7.24 10.90
C GLN B 294 10.70 -7.01 9.66
N SER B 295 10.98 -7.69 8.54
CA SER B 295 10.29 -7.47 7.24
C SER B 295 9.35 -8.63 6.88
N TRP B 296 9.31 -9.73 7.64
CA TRP B 296 8.54 -10.97 7.32
C TRP B 296 7.35 -11.20 8.27
N TYR B 297 6.26 -11.72 7.71
CA TYR B 297 5.20 -12.41 8.49
C TYR B 297 5.05 -13.84 7.96
N LEU B 298 5.21 -14.83 8.85
CA LEU B 298 5.08 -16.25 8.44
C LEU B 298 3.59 -16.58 8.29
N ASP B 299 3.13 -16.62 7.03
CA ASP B 299 1.74 -17.00 6.64
C ASP B 299 1.64 -18.52 6.68
N GLN B 300 0.47 -19.08 6.38
CA GLN B 300 0.28 -20.57 6.50
C GLN B 300 1.30 -21.30 5.62
N THR B 301 1.55 -20.80 4.42
CA THR B 301 2.51 -21.42 3.45
C THR B 301 3.90 -21.50 4.11
N LEU B 302 4.39 -20.39 4.67
CA LEU B 302 5.78 -20.33 5.20
C LEU B 302 5.89 -21.21 6.45
N ARG B 303 4.89 -21.20 7.34
CA ARG B 303 4.90 -22.02 8.59
C ARG B 303 4.95 -23.51 8.23
N LYS B 304 4.20 -23.92 7.21
CA LYS B 304 4.15 -25.33 6.75
C LYS B 304 5.54 -25.71 6.25
N ARG B 305 6.17 -24.87 5.42
CA ARG B 305 7.49 -25.11 4.80
C ARG B 305 8.59 -25.09 5.89
N LEU B 306 8.46 -24.25 6.92
CA LEU B 306 9.42 -24.23 8.07
C LEU B 306 9.35 -25.59 8.79
N TYR B 307 8.16 -26.15 9.00
CA TYR B 307 7.97 -27.44 9.69
C TYR B 307 8.60 -28.56 8.85
N GLU B 308 8.16 -28.65 7.59
N GLU B 308 8.18 -28.66 7.59
CA GLU B 308 8.53 -29.70 6.60
CA GLU B 308 8.56 -29.76 6.65
C GLU B 308 10.05 -29.73 6.41
C GLU B 308 10.08 -29.75 6.40
N GLU B 309 10.63 -28.61 5.96
CA GLU B 309 12.07 -28.54 5.57
C GLU B 309 13.02 -28.55 6.79
N TYR B 310 12.68 -27.93 7.93
CA TYR B 310 13.68 -27.67 9.00
C TYR B 310 13.30 -28.35 10.31
N GLY B 311 12.08 -28.88 10.43
CA GLY B 311 11.60 -29.59 11.64
C GLY B 311 11.13 -28.65 12.74
N VAL B 312 10.88 -27.37 12.44
CA VAL B 312 10.57 -26.33 13.47
C VAL B 312 9.05 -26.12 13.56
N GLN B 313 8.49 -26.22 14.77
CA GLN B 313 7.02 -26.19 15.03
C GLN B 313 6.51 -24.85 15.58
N GLY B 314 7.00 -24.37 16.72
CA GLY B 314 6.49 -23.11 17.32
C GLY B 314 5.12 -23.24 17.98
N TRP B 315 4.70 -22.20 18.71
CA TRP B 315 3.46 -22.17 19.52
C TRP B 315 2.47 -21.18 18.88
N ALA B 316 1.26 -21.60 18.50
CA ALA B 316 0.15 -20.72 18.05
C ALA B 316 -0.72 -20.38 19.26
N ILE B 317 -0.70 -19.12 19.71
CA ILE B 317 -1.37 -18.67 20.96
C ILE B 317 -2.42 -17.59 20.65
N VAL B 318 -3.65 -17.77 21.14
CA VAL B 318 -4.66 -16.68 21.11
C VAL B 318 -4.65 -15.98 22.45
N GLN B 319 -4.33 -14.68 22.46
CA GLN B 319 -4.33 -13.82 23.67
C GLN B 319 -5.68 -13.13 23.78
N PHE B 320 -6.45 -13.49 24.81
CA PHE B 320 -7.77 -12.94 25.15
C PHE B 320 -7.60 -11.77 26.10
N LEU B 321 -8.67 -11.00 26.34
CA LEU B 321 -8.65 -9.92 27.35
C LEU B 321 -8.13 -10.47 28.70
N GLY B 322 -7.10 -9.82 29.24
CA GLY B 322 -6.50 -10.13 30.57
C GLY B 322 -5.41 -11.19 30.51
N ASP B 323 -5.10 -11.77 29.35
CA ASP B 323 -4.01 -12.77 29.20
C ASP B 323 -2.65 -12.04 29.17
N ALA B 324 -1.71 -12.51 29.99
CA ALA B 324 -0.30 -12.11 29.99
C ALA B 324 0.50 -13.22 29.33
N VAL B 325 1.24 -12.88 28.27
CA VAL B 325 2.11 -13.79 27.50
C VAL B 325 3.55 -13.51 27.88
N PHE B 326 4.23 -14.51 28.43
CA PHE B 326 5.67 -14.42 28.79
C PHE B 326 6.50 -14.92 27.61
N ILE B 327 7.43 -14.10 27.13
CA ILE B 327 8.27 -14.32 25.90
C ILE B 327 9.74 -14.43 26.27
N PRO B 328 10.38 -15.63 26.14
CA PRO B 328 11.81 -15.76 26.44
C PRO B 328 12.71 -14.87 25.57
N ALA B 329 13.73 -14.28 26.16
CA ALA B 329 14.79 -13.56 25.40
C ALA B 329 15.24 -14.39 24.17
N GLY B 330 15.22 -13.80 22.99
CA GLY B 330 15.74 -14.43 21.77
C GLY B 330 14.74 -15.35 21.10
N ALA B 331 13.52 -15.54 21.65
CA ALA B 331 12.43 -16.36 21.00
C ALA B 331 11.82 -15.54 19.88
N PRO B 332 12.02 -15.88 18.59
CA PRO B 332 11.37 -15.08 17.54
C PRO B 332 9.84 -15.15 17.64
N HIS B 333 9.16 -14.04 17.36
CA HIS B 333 7.69 -14.04 17.47
C HIS B 333 7.05 -12.99 16.54
N GLN B 334 5.77 -13.20 16.24
CA GLN B 334 4.97 -12.30 15.38
C GLN B 334 3.56 -12.21 15.98
N VAL B 335 2.86 -11.12 15.70
CA VAL B 335 1.55 -10.83 16.30
C VAL B 335 0.56 -10.38 15.19
N HIS B 336 -0.65 -10.94 15.20
CA HIS B 336 -1.75 -10.60 14.23
C HIS B 336 -3.00 -10.21 15.00
N ASN B 337 -3.36 -8.92 15.11
CA ASN B 337 -4.57 -8.51 15.86
C ASN B 337 -5.84 -9.01 15.15
N LEU B 338 -6.72 -9.72 15.87
CA LEU B 338 -8.04 -10.22 15.40
C LEU B 338 -9.10 -9.11 15.52
N TYR B 339 -9.04 -8.35 16.61
CA TYR B 339 -9.85 -7.15 16.88
C TYR B 339 -8.91 -6.03 17.32
N SER B 340 -9.43 -4.82 17.53
CA SER B 340 -8.64 -3.67 17.98
C SER B 340 -8.15 -3.98 19.41
N CYS B 341 -6.84 -3.83 19.68
CA CYS B 341 -6.20 -4.21 20.98
C CYS B 341 -5.41 -3.07 21.63
N ILE B 342 -5.50 -2.97 22.97
CA ILE B 342 -4.51 -2.24 23.81
C ILE B 342 -3.68 -3.27 24.61
N LYS B 343 -2.37 -3.33 24.35
CA LYS B 343 -1.45 -4.23 25.11
C LYS B 343 -0.45 -3.35 25.87
N VAL B 344 0.06 -3.83 27.02
CA VAL B 344 1.17 -3.12 27.72
C VAL B 344 2.22 -4.17 28.05
N ALA B 345 3.49 -3.91 27.72
CA ALA B 345 4.59 -4.91 27.87
C ALA B 345 5.69 -4.35 28.78
N GLU B 346 6.30 -5.23 29.60
CA GLU B 346 7.42 -4.84 30.51
C GLU B 346 8.59 -5.81 30.25
N ASP B 347 9.79 -5.29 30.04
CA ASP B 347 11.02 -6.12 29.86
C ASP B 347 11.56 -6.47 31.27
N PHE B 348 12.28 -7.58 31.40
CA PHE B 348 12.97 -8.01 32.65
C PHE B 348 14.11 -8.96 32.26
N VAL B 349 14.97 -9.32 33.24
CA VAL B 349 16.07 -10.30 33.01
C VAL B 349 16.01 -11.42 34.06
N SER B 350 15.63 -12.63 33.66
CA SER B 350 15.61 -13.78 34.60
C SER B 350 17.01 -14.42 34.69
N PRO B 351 17.34 -15.03 35.83
CA PRO B 351 18.58 -15.80 35.95
C PRO B 351 18.71 -16.94 34.94
N GLU B 352 17.59 -17.58 34.61
CA GLU B 352 17.50 -18.74 33.68
C GLU B 352 18.04 -18.34 32.31
N HIS B 353 17.90 -17.06 31.92
CA HIS B 353 18.20 -16.60 30.55
C HIS B 353 19.34 -15.58 30.52
N VAL B 354 20.12 -15.42 31.59
CA VAL B 354 21.16 -14.33 31.60
C VAL B 354 22.24 -14.57 30.55
N LYS B 355 22.59 -15.82 30.26
CA LYS B 355 23.63 -16.09 29.22
C LYS B 355 23.13 -15.65 27.84
N HIS B 356 21.88 -15.98 27.52
CA HIS B 356 21.19 -15.52 26.28
C HIS B 356 21.19 -14.00 26.19
N CYS B 357 20.78 -13.29 27.26
CA CYS B 357 20.71 -11.82 27.30
C CYS B 357 22.11 -11.21 26.96
N PHE B 358 23.22 -11.82 27.41
CA PHE B 358 24.59 -11.34 27.10
C PHE B 358 24.87 -11.50 25.59
N ARG B 359 24.62 -12.69 25.05
CA ARG B 359 24.92 -13.02 23.64
C ARG B 359 24.05 -12.17 22.70
N LEU B 360 22.77 -11.97 23.03
CA LEU B 360 21.85 -11.20 22.16
C LEU B 360 22.22 -9.73 22.16
N THR B 361 22.62 -9.20 23.31
CA THR B 361 23.07 -7.79 23.45
C THR B 361 24.35 -7.60 22.59
N GLN B 362 25.29 -8.54 22.67
CA GLN B 362 26.57 -8.55 21.88
C GLN B 362 26.20 -8.48 20.39
N GLU B 363 25.30 -9.35 19.93
CA GLU B 363 24.91 -9.51 18.51
C GLU B 363 24.15 -8.26 18.06
N PHE B 364 23.33 -7.65 18.92
CA PHE B 364 22.61 -6.40 18.58
C PHE B 364 23.61 -5.29 18.28
N ARG B 365 24.62 -5.11 19.14
CA ARG B 365 25.70 -4.12 18.94
C ARG B 365 26.40 -4.40 17.59
N HIS B 366 26.73 -5.65 17.27
CA HIS B 366 27.37 -6.02 15.97
C HIS B 366 26.46 -5.69 14.77
N LEU B 367 25.16 -6.03 14.83
CA LEU B 367 24.18 -5.73 13.74
C LEU B 367 23.98 -4.22 13.63
N SER B 368 24.23 -3.46 14.69
CA SER B 368 24.06 -1.98 14.73
C SER B 368 25.08 -1.29 13.81
N ASN B 369 26.37 -1.40 14.14
CA ASN B 369 27.47 -0.64 13.48
C ASN B 369 28.18 -1.54 12.47
#